data_3E3H
#
_entry.id   3E3H
#
_cell.length_a   128.797
_cell.length_b   90.596
_cell.length_c   69.145
_cell.angle_alpha   90.00
_cell.angle_beta   91.74
_cell.angle_gamma   90.00
#
_symmetry.space_group_name_H-M   'C 1 2 1'
#
loop_
_entity.id
_entity.type
_entity.pdbx_description
1 polymer 'Parathion hydrolase'
2 non-polymer 'COBALT (II) ION'
3 non-polymer 'DIETHYL 4-METHYLBENZYLPHOSPHONATE'
4 water water
#
_entity_poly.entity_id   1
_entity_poly.type   'polypeptide(L)'
_entity_poly.pdbx_seq_one_letter_code
;SIGTGDRINTVRGPITISEAGFTLTHEHICGSSAGFLRAWPEFFGSRKALAEKAVRGLRRARAAGVRTIVDVSTFDIGRD
VSLLAEVSRAADVHIVAATGLWFDPPLSMRLRSVEELTQFFLREIQYGIEDTGIRAGII(KCX)VATTGKATPFQELVLK
AAARASLATGVPVTTHTAASQRDGEQQAAIFESEGLSPSRVCIGHSDDTDDLSYLTALAARGYLIGLDRIPFSAIGLEDN
ASASALLGIRSWQTRALLIKALIDQGYMKQILVSNDWLFGFSSYVTNIMDVMDRVNPDGMAFIPLRVIPFLREKGVPQET
LAGITVTNPARFLSPTLRAS
;
_entity_poly.pdbx_strand_id   A,B
#
loop_
_chem_comp.id
_chem_comp.type
_chem_comp.name
_chem_comp.formula
CO non-polymer 'COBALT (II) ION' 'Co 2'
EBP non-polymer 'DIETHYL 4-METHYLBENZYLPHOSPHONATE' 'C12 H19 O3 P'
#
# COMPACT_ATOMS: atom_id res chain seq x y z
N SER A 1 35.27 -14.44 -1.04
CA SER A 1 34.24 -13.56 -1.64
C SER A 1 34.77 -12.68 -2.76
N ILE A 2 33.85 -12.02 -3.46
CA ILE A 2 34.23 -11.14 -4.57
C ILE A 2 33.44 -9.84 -4.60
N GLY A 3 34.08 -8.79 -5.12
CA GLY A 3 33.43 -7.49 -5.21
C GLY A 3 32.73 -7.32 -6.54
N THR A 4 31.75 -6.40 -6.58
CA THR A 4 31.02 -6.14 -7.83
C THR A 4 31.50 -4.84 -8.46
N GLY A 5 32.45 -4.18 -7.80
CA GLY A 5 32.97 -2.93 -8.31
C GLY A 5 33.49 -2.07 -7.18
N ASP A 6 33.15 -2.47 -5.96
CA ASP A 6 33.58 -1.74 -4.79
C ASP A 6 33.00 -0.32 -4.68
N ARG A 7 31.71 -0.21 -4.98
CA ARG A 7 31.01 1.06 -4.88
C ARG A 7 29.64 0.81 -4.31
N ILE A 8 29.16 1.77 -3.53
CA ILE A 8 27.84 1.66 -2.90
C ILE A 8 26.85 2.58 -3.60
N ASN A 9 25.68 2.04 -3.90
CA ASN A 9 24.63 2.81 -4.56
C ASN A 9 23.92 3.72 -3.56
N THR A 10 23.80 5.01 -3.88
CA THR A 10 23.05 5.94 -3.02
C THR A 10 22.01 6.57 -3.93
N VAL A 11 21.08 7.32 -3.36
CA VAL A 11 20.03 7.94 -4.16
C VAL A 11 20.58 9.02 -5.08
N ARG A 12 21.86 9.37 -4.92
CA ARG A 12 22.50 10.37 -5.78
C ARG A 12 23.46 9.68 -6.75
N GLY A 13 23.54 8.36 -6.65
CA GLY A 13 24.43 7.61 -7.52
C GLY A 13 25.44 6.81 -6.72
N PRO A 14 26.40 6.15 -7.38
CA PRO A 14 27.42 5.36 -6.69
C PRO A 14 28.52 6.20 -6.03
N ILE A 15 28.92 5.80 -4.83
CA ILE A 15 30.00 6.48 -4.13
C ILE A 15 31.03 5.43 -3.73
N THR A 16 32.27 5.85 -3.52
CA THR A 16 33.32 4.92 -3.12
C THR A 16 33.16 4.58 -1.65
N ILE A 17 33.74 3.46 -1.22
CA ILE A 17 33.64 3.04 0.16
C ILE A 17 34.15 4.10 1.11
N SER A 18 35.22 4.77 0.73
CA SER A 18 35.80 5.79 1.57
C SER A 18 34.92 7.04 1.67
N GLU A 19 34.02 7.22 0.71
CA GLU A 19 33.12 8.37 0.73
C GLU A 19 32.01 8.20 1.76
N ALA A 20 31.69 6.94 2.07
CA ALA A 20 30.62 6.64 3.03
C ALA A 20 30.89 7.29 4.39
N GLY A 21 32.10 7.09 4.92
CA GLY A 21 32.44 7.69 6.20
C GLY A 21 31.54 7.25 7.34
N PHE A 22 31.35 8.14 8.32
CA PHE A 22 30.50 7.86 9.48
C PHE A 22 29.11 7.52 8.94
N THR A 23 28.69 6.28 9.12
CA THR A 23 27.41 5.82 8.61
C THR A 23 26.43 5.29 9.66
N LEU A 24 25.17 5.75 9.60
CA LEU A 24 24.11 5.28 10.48
C LEU A 24 23.39 4.26 9.60
N THR A 25 23.46 2.99 10.01
CA THR A 25 22.91 1.89 9.22
C THR A 25 21.44 1.50 9.28
N HIS A 26 20.67 2.09 10.18
CA HIS A 26 19.24 1.79 10.22
C HIS A 26 18.48 3.07 10.58
N GLU A 27 17.99 3.76 9.54
CA GLU A 27 17.25 5.00 9.71
C GLU A 27 16.09 5.09 8.70
N HIS A 28 15.29 6.13 8.85
CA HIS A 28 14.15 6.37 7.97
C HIS A 28 13.97 7.87 7.81
N ILE A 29 13.57 8.29 6.62
CA ILE A 29 13.30 9.70 6.43
C ILE A 29 11.84 9.81 6.87
N CYS A 30 11.04 8.83 6.47
CA CYS A 30 9.63 8.83 6.83
C CYS A 30 9.04 7.41 6.90
N GLY A 31 8.39 7.10 8.02
CA GLY A 31 7.79 5.79 8.19
C GLY A 31 6.31 5.90 7.82
N SER A 32 5.95 5.38 6.66
CA SER A 32 4.57 5.46 6.19
C SER A 32 4.11 4.18 5.51
N SER A 33 3.33 4.32 4.45
CA SER A 33 2.84 3.16 3.69
C SER A 33 2.91 3.53 2.21
N ALA A 34 2.97 2.52 1.35
CA ALA A 34 3.05 2.74 -0.09
C ALA A 34 1.96 3.70 -0.54
N GLY A 35 2.35 4.68 -1.35
CA GLY A 35 1.42 5.66 -1.88
C GLY A 35 0.81 6.64 -0.89
N PHE A 36 1.04 6.44 0.41
CA PHE A 36 0.46 7.33 1.40
C PHE A 36 0.94 8.79 1.35
N LEU A 37 2.24 9.00 1.22
CA LEU A 37 2.78 10.36 1.18
C LEU A 37 2.24 11.15 -0.01
N ARG A 38 2.15 10.52 -1.17
CA ARG A 38 1.66 11.20 -2.37
C ARG A 38 0.16 11.49 -2.32
N ALA A 39 -0.61 10.63 -1.65
CA ALA A 39 -2.05 10.82 -1.60
C ALA A 39 -2.56 11.68 -0.44
N TRP A 40 -1.86 11.66 0.69
CA TRP A 40 -2.30 12.42 1.85
C TRP A 40 -1.13 13.14 2.51
N PRO A 41 -0.45 14.03 1.76
CA PRO A 41 0.69 14.76 2.32
C PRO A 41 0.37 15.65 3.52
N GLU A 42 -0.88 16.13 3.59
CA GLU A 42 -1.29 16.99 4.69
C GLU A 42 -1.18 16.27 6.03
N PHE A 43 -1.14 14.94 6.02
CA PHE A 43 -1.03 14.19 7.28
C PHE A 43 0.26 14.59 7.98
N PHE A 44 1.26 14.99 7.19
CA PHE A 44 2.55 15.40 7.73
C PHE A 44 2.66 16.92 7.63
N GLY A 45 1.52 17.60 7.55
CA GLY A 45 1.51 19.05 7.43
C GLY A 45 1.49 19.33 5.93
N SER A 46 2.55 18.91 5.25
CA SER A 46 2.68 19.06 3.80
C SER A 46 3.96 18.34 3.42
N ARG A 47 4.12 18.04 2.14
CA ARG A 47 5.33 17.38 1.69
C ARG A 47 6.52 18.30 1.94
N LYS A 48 6.30 19.59 1.74
CA LYS A 48 7.36 20.59 1.92
C LYS A 48 7.82 20.70 3.37
N ALA A 49 6.88 20.69 4.31
CA ALA A 49 7.24 20.77 5.72
C ALA A 49 8.01 19.53 6.10
N LEU A 50 7.56 18.38 5.62
CA LEU A 50 8.23 17.13 5.92
C LEU A 50 9.66 17.16 5.41
N ALA A 51 9.83 17.56 4.15
CA ALA A 51 11.17 17.62 3.56
C ALA A 51 12.09 18.59 4.29
N GLU A 52 11.56 19.76 4.67
CA GLU A 52 12.36 20.73 5.39
C GLU A 52 12.75 20.18 6.75
N LYS A 53 11.86 19.43 7.38
CA LYS A 53 12.16 18.85 8.68
C LYS A 53 13.29 17.83 8.54
N ALA A 54 13.23 17.04 7.47
CA ALA A 54 14.25 16.04 7.22
C ALA A 54 15.61 16.72 6.96
N VAL A 55 15.59 17.77 6.15
CA VAL A 55 16.81 18.50 5.84
C VAL A 55 17.46 19.06 7.11
N ARG A 56 16.67 19.73 7.95
CA ARG A 56 17.18 20.29 9.19
C ARG A 56 17.81 19.20 10.04
N GLY A 57 17.10 18.08 10.15
CA GLY A 57 17.59 16.96 10.94
C GLY A 57 18.84 16.32 10.37
N LEU A 58 18.91 16.18 9.05
CA LEU A 58 20.09 15.58 8.43
C LEU A 58 21.30 16.49 8.51
N ARG A 59 21.08 17.80 8.48
CA ARG A 59 22.19 18.73 8.56
C ARG A 59 22.75 18.73 9.98
N ARG A 60 21.87 18.55 10.97
CA ARG A 60 22.31 18.51 12.35
C ARG A 60 23.13 17.24 12.55
N ALA A 61 22.70 16.14 11.94
CA ALA A 61 23.43 14.89 12.06
C ALA A 61 24.80 15.07 11.39
N ARG A 62 24.79 15.69 10.22
CA ARG A 62 26.00 15.95 9.45
C ARG A 62 26.96 16.82 10.25
N ALA A 63 26.40 17.82 10.93
CA ALA A 63 27.20 18.72 11.75
C ALA A 63 27.98 17.92 12.80
N ALA A 64 27.35 16.86 13.31
CA ALA A 64 27.96 16.01 14.32
C ALA A 64 28.88 14.95 13.73
N GLY A 65 29.06 14.97 12.41
CA GLY A 65 29.95 14.00 11.78
C GLY A 65 29.34 12.95 10.86
N VAL A 66 28.01 12.81 10.87
CA VAL A 66 27.38 11.80 10.02
C VAL A 66 27.47 12.20 8.55
N ARG A 67 28.01 11.29 7.73
CA ARG A 67 28.15 11.55 6.30
C ARG A 67 27.16 10.72 5.49
N THR A 68 26.74 9.59 6.05
CA THR A 68 25.83 8.70 5.34
C THR A 68 24.81 8.02 6.23
N ILE A 69 23.59 7.86 5.73
CA ILE A 69 22.58 7.12 6.47
C ILE A 69 21.97 6.10 5.52
N VAL A 70 21.53 4.99 6.08
CA VAL A 70 20.89 3.96 5.28
C VAL A 70 19.41 4.03 5.62
N ASP A 71 18.60 4.42 4.65
CA ASP A 71 17.18 4.50 4.88
C ASP A 71 16.65 3.10 4.56
N VAL A 72 16.30 2.34 5.60
CA VAL A 72 15.82 0.98 5.39
C VAL A 72 14.33 0.90 5.11
N SER A 73 13.74 2.00 4.67
CA SER A 73 12.33 2.05 4.33
C SER A 73 12.10 1.27 3.03
N THR A 74 11.20 0.30 3.10
CA THR A 74 10.88 -0.51 1.94
C THR A 74 9.65 0.01 1.22
N PHE A 75 9.28 -0.67 0.15
CA PHE A 75 8.08 -0.33 -0.62
C PHE A 75 6.88 -0.16 0.30
N ASP A 76 6.65 -1.13 1.19
CA ASP A 76 5.50 -1.06 2.08
C ASP A 76 5.64 -0.15 3.29
N ILE A 77 6.80 0.47 3.44
CA ILE A 77 7.03 1.42 4.53
C ILE A 77 6.82 2.80 3.89
N GLY A 78 6.36 2.79 2.64
CA GLY A 78 6.08 4.04 1.93
C GLY A 78 7.28 4.76 1.36
N ARG A 79 8.39 4.06 1.24
CA ARG A 79 9.62 4.63 0.69
C ARG A 79 9.29 5.50 -0.53
N ASP A 80 9.79 6.74 -0.53
CA ASP A 80 9.56 7.66 -1.63
C ASP A 80 10.96 8.12 -2.04
N VAL A 81 11.58 7.35 -2.93
CA VAL A 81 12.94 7.65 -3.36
C VAL A 81 13.18 9.09 -3.85
N SER A 82 12.14 9.72 -4.40
CA SER A 82 12.27 11.10 -4.86
C SER A 82 12.49 12.01 -3.65
N LEU A 83 11.80 11.72 -2.56
CA LEU A 83 11.96 12.52 -1.35
C LEU A 83 13.37 12.29 -0.82
N LEU A 84 13.82 11.04 -0.84
CA LEU A 84 15.15 10.73 -0.35
C LEU A 84 16.22 11.50 -1.15
N ALA A 85 16.11 11.48 -2.47
CA ALA A 85 17.08 12.19 -3.32
C ALA A 85 17.05 13.68 -3.05
N GLU A 86 15.86 14.24 -2.89
CA GLU A 86 15.76 15.67 -2.64
C GLU A 86 16.42 16.08 -1.31
N VAL A 87 16.10 15.37 -0.23
CA VAL A 87 16.68 15.74 1.05
C VAL A 87 18.18 15.44 1.10
N SER A 88 18.61 14.41 0.39
CA SER A 88 20.02 14.05 0.36
C SER A 88 20.86 15.18 -0.24
N ARG A 89 20.38 15.73 -1.35
CA ARG A 89 21.07 16.81 -2.03
C ARG A 89 21.05 18.12 -1.26
N ALA A 90 19.92 18.43 -0.62
CA ALA A 90 19.82 19.67 0.12
C ALA A 90 20.59 19.63 1.44
N ALA A 91 20.69 18.46 2.04
CA ALA A 91 21.40 18.31 3.31
C ALA A 91 22.84 17.88 3.07
N ASP A 92 23.12 17.46 1.84
CA ASP A 92 24.43 16.96 1.47
C ASP A 92 24.84 15.80 2.38
N VAL A 93 23.96 14.81 2.47
CA VAL A 93 24.20 13.61 3.26
C VAL A 93 23.87 12.43 2.35
N HIS A 94 24.80 11.48 2.23
CA HIS A 94 24.55 10.32 1.39
C HIS A 94 23.42 9.50 2.01
N ILE A 95 22.52 8.99 1.17
CA ILE A 95 21.43 8.15 1.64
C ILE A 95 21.36 6.88 0.79
N VAL A 96 21.49 5.72 1.42
CA VAL A 96 21.41 4.46 0.71
C VAL A 96 19.95 4.01 0.79
N ALA A 97 19.36 3.73 -0.36
CA ALA A 97 17.97 3.28 -0.40
C ALA A 97 17.87 1.77 -0.26
N ALA A 98 16.70 1.29 0.15
CA ALA A 98 16.48 -0.14 0.32
C ALA A 98 15.34 -0.72 -0.50
N THR A 99 15.43 -2.02 -0.73
CA THR A 99 14.36 -2.75 -1.39
C THR A 99 13.98 -3.80 -0.35
N GLY A 100 13.11 -4.74 -0.71
CA GLY A 100 12.70 -5.75 0.25
C GLY A 100 11.28 -5.49 0.70
N LEU A 101 10.85 -6.13 1.78
CA LEU A 101 9.50 -5.94 2.30
C LEU A 101 9.48 -5.98 3.83
N TRP A 102 8.72 -5.05 4.40
CA TRP A 102 8.55 -4.92 5.84
C TRP A 102 7.37 -5.82 6.22
N PHE A 103 6.70 -5.56 7.35
CA PHE A 103 5.59 -6.43 7.70
C PHE A 103 4.18 -5.90 7.43
N ASP A 104 4.06 -5.03 6.44
CA ASP A 104 2.76 -4.49 6.05
C ASP A 104 2.59 -4.60 4.54
N PRO A 105 2.91 -5.77 3.96
CA PRO A 105 2.76 -5.93 2.51
C PRO A 105 1.31 -5.99 2.07
N PRO A 106 0.98 -5.34 0.95
CA PRO A 106 -0.41 -5.34 0.44
C PRO A 106 -0.67 -6.66 -0.30
N LEU A 107 -1.89 -6.86 -0.78
CA LEU A 107 -2.25 -8.08 -1.49
C LEU A 107 -1.40 -8.39 -2.72
N SER A 108 -1.06 -7.38 -3.51
CA SER A 108 -0.27 -7.60 -4.70
C SER A 108 1.11 -8.16 -4.42
N MET A 109 1.57 -8.01 -3.18
CA MET A 109 2.87 -8.54 -2.76
C MET A 109 2.69 -9.87 -2.02
N ARG A 110 1.75 -9.88 -1.06
CA ARG A 110 1.48 -11.07 -0.25
C ARG A 110 1.17 -12.33 -1.04
N LEU A 111 0.62 -12.18 -2.24
CA LEU A 111 0.26 -13.35 -3.05
C LEU A 111 1.33 -13.78 -4.05
N ARG A 112 2.49 -13.13 -4.02
CA ARG A 112 3.57 -13.46 -4.95
C ARG A 112 4.42 -14.63 -4.46
N SER A 113 5.00 -15.35 -5.41
CA SER A 113 5.86 -16.49 -5.09
C SER A 113 7.27 -16.01 -4.76
N VAL A 114 8.10 -16.92 -4.25
CA VAL A 114 9.47 -16.55 -3.91
C VAL A 114 10.20 -16.09 -5.19
N GLU A 115 9.91 -16.73 -6.31
CA GLU A 115 10.53 -16.37 -7.59
C GLU A 115 10.15 -14.94 -7.98
N GLU A 116 8.85 -14.65 -7.96
CA GLU A 116 8.38 -13.32 -8.31
C GLU A 116 9.01 -12.26 -7.41
N LEU A 117 8.98 -12.48 -6.10
CA LEU A 117 9.57 -11.53 -5.16
C LEU A 117 11.04 -11.32 -5.46
N THR A 118 11.74 -12.41 -5.77
CA THR A 118 13.18 -12.32 -6.08
C THR A 118 13.41 -11.40 -7.27
N GLN A 119 12.48 -11.43 -8.24
CA GLN A 119 12.62 -10.57 -9.40
C GLN A 119 12.38 -9.12 -9.03
N PHE A 120 11.44 -8.89 -8.12
CA PHE A 120 11.15 -7.53 -7.70
C PHE A 120 12.35 -6.92 -6.98
N PHE A 121 12.93 -7.65 -6.03
CA PHE A 121 14.10 -7.16 -5.30
C PHE A 121 15.25 -6.87 -6.27
N LEU A 122 15.47 -7.78 -7.21
CA LEU A 122 16.53 -7.59 -8.19
C LEU A 122 16.28 -6.35 -9.04
N ARG A 123 15.01 -6.13 -9.41
CA ARG A 123 14.65 -4.95 -10.19
C ARG A 123 15.12 -3.68 -9.49
N GLU A 124 14.70 -3.55 -8.24
CA GLU A 124 15.03 -2.37 -7.45
C GLU A 124 16.52 -2.18 -7.21
N ILE A 125 17.26 -3.28 -7.25
CA ILE A 125 18.70 -3.24 -7.04
C ILE A 125 19.50 -2.95 -8.31
N GLN A 126 19.14 -3.63 -9.39
CA GLN A 126 19.84 -3.51 -10.66
C GLN A 126 19.26 -2.50 -11.64
N TYR A 127 17.95 -2.51 -11.79
CA TYR A 127 17.28 -1.58 -12.71
C TYR A 127 17.00 -0.25 -12.02
N GLY A 128 16.57 -0.32 -10.78
CA GLY A 128 16.27 0.89 -10.05
C GLY A 128 14.87 0.91 -9.51
N ILE A 129 14.61 1.81 -8.58
CA ILE A 129 13.29 1.94 -7.97
C ILE A 129 12.36 2.73 -8.89
N GLU A 130 11.20 2.16 -9.16
CA GLU A 130 10.24 2.80 -10.04
C GLU A 130 10.95 3.11 -11.37
N ASP A 131 10.87 4.35 -11.84
CA ASP A 131 11.52 4.74 -13.08
C ASP A 131 12.59 5.78 -12.83
N THR A 132 13.15 5.79 -11.63
CA THR A 132 14.15 6.80 -11.30
C THR A 132 15.59 6.41 -11.58
N GLY A 133 15.86 5.12 -11.75
CA GLY A 133 17.23 4.69 -11.97
C GLY A 133 17.97 4.59 -10.65
N ILE A 134 17.33 5.02 -9.56
CA ILE A 134 17.96 4.95 -8.24
C ILE A 134 17.98 3.50 -7.79
N ARG A 135 19.17 2.93 -7.63
CA ARG A 135 19.31 1.54 -7.24
C ARG A 135 19.47 1.32 -5.74
N ALA A 136 18.74 0.35 -5.21
CA ALA A 136 18.80 0.03 -3.78
C ALA A 136 20.19 -0.52 -3.42
N GLY A 137 20.68 -0.12 -2.24
CA GLY A 137 21.97 -0.59 -1.79
C GLY A 137 21.86 -1.58 -0.64
N ILE A 138 20.64 -1.98 -0.29
CA ILE A 138 20.43 -2.93 0.81
C ILE A 138 19.05 -3.55 0.71
N ILE A 139 18.89 -4.72 1.31
CA ILE A 139 17.62 -5.45 1.30
C ILE A 139 17.08 -5.57 2.73
N KCX A 140 15.86 -5.10 2.92
CA KCX A 140 15.22 -5.12 4.24
CB KCX A 140 14.67 -3.72 4.56
CG KCX A 140 13.76 -3.64 5.77
CD KCX A 140 14.56 -3.83 7.04
CE KCX A 140 14.17 -2.77 8.05
NZ KCX A 140 13.19 -3.35 9.02
C KCX A 140 14.10 -6.14 4.33
O KCX A 140 13.23 -6.20 3.45
CX KCX A 140 12.65 -2.36 9.75
OQ1 KCX A 140 11.87 -2.65 10.66
OQ2 KCX A 140 12.91 -1.17 9.50
N VAL A 141 14.12 -6.95 5.38
CA VAL A 141 13.10 -7.97 5.61
C VAL A 141 12.69 -7.89 7.09
N ALA A 142 11.64 -8.60 7.47
CA ALA A 142 11.20 -8.56 8.87
C ALA A 142 10.28 -9.69 9.32
N THR A 143 10.26 -9.89 10.63
CA THR A 143 9.40 -10.87 11.30
C THR A 143 9.12 -10.28 12.68
N THR A 144 8.03 -10.71 13.31
CA THR A 144 7.66 -10.25 14.65
C THR A 144 7.25 -11.51 15.38
N GLY A 145 8.25 -12.32 15.69
CA GLY A 145 8.01 -13.59 16.35
C GLY A 145 8.23 -14.59 15.23
N LYS A 146 7.72 -15.82 15.37
CA LYS A 146 7.89 -16.84 14.33
C LYS A 146 7.45 -16.29 12.97
N ALA A 147 8.19 -16.65 11.94
CA ALA A 147 7.90 -16.20 10.57
C ALA A 147 6.60 -16.75 10.00
N THR A 148 5.83 -15.87 9.36
CA THR A 148 4.59 -16.30 8.72
C THR A 148 5.06 -16.98 7.43
N PRO A 149 4.18 -17.75 6.79
CA PRO A 149 4.60 -18.41 5.54
C PRO A 149 5.10 -17.40 4.51
N PHE A 150 4.43 -16.26 4.40
CA PHE A 150 4.85 -15.26 3.42
C PHE A 150 6.22 -14.73 3.79
N GLN A 151 6.42 -14.46 5.08
CA GLN A 151 7.70 -13.94 5.54
C GLN A 151 8.85 -14.87 5.23
N GLU A 152 8.62 -16.18 5.29
CA GLU A 152 9.67 -17.14 4.97
C GLU A 152 10.03 -16.97 3.49
N LEU A 153 9.04 -16.67 2.66
CA LEU A 153 9.27 -16.47 1.23
C LEU A 153 10.10 -15.21 1.01
N VAL A 154 9.79 -14.18 1.79
CA VAL A 154 10.50 -12.90 1.67
C VAL A 154 11.98 -13.08 2.05
N LEU A 155 12.24 -13.83 3.13
CA LEU A 155 13.62 -14.04 3.56
C LEU A 155 14.42 -14.81 2.51
N LYS A 156 13.81 -15.81 1.89
CA LYS A 156 14.49 -16.59 0.88
C LYS A 156 14.77 -15.76 -0.36
N ALA A 157 13.81 -14.94 -0.77
CA ALA A 157 13.98 -14.09 -1.94
C ALA A 157 15.05 -13.05 -1.63
N ALA A 158 15.09 -12.58 -0.40
CA ALA A 158 16.08 -11.60 -0.01
C ALA A 158 17.47 -12.22 -0.10
N ALA A 159 17.57 -13.48 0.29
CA ALA A 159 18.84 -14.20 0.25
C ALA A 159 19.29 -14.42 -1.19
N ARG A 160 18.34 -14.77 -2.06
CA ARG A 160 18.67 -15.00 -3.45
C ARG A 160 19.08 -13.69 -4.11
N ALA A 161 18.37 -12.61 -3.79
CA ALA A 161 18.72 -11.31 -4.37
C ALA A 161 20.13 -10.91 -3.91
N SER A 162 20.43 -11.16 -2.64
CA SER A 162 21.76 -10.83 -2.10
C SER A 162 22.88 -11.66 -2.72
N LEU A 163 22.64 -12.95 -2.90
CA LEU A 163 23.65 -13.82 -3.50
C LEU A 163 23.98 -13.39 -4.93
N ALA A 164 22.97 -12.99 -5.69
CA ALA A 164 23.17 -12.59 -7.08
C ALA A 164 23.77 -11.19 -7.27
N THR A 165 23.57 -10.31 -6.30
CA THR A 165 24.07 -8.94 -6.42
C THR A 165 25.19 -8.54 -5.48
N GLY A 166 25.29 -9.19 -4.33
CA GLY A 166 26.33 -8.86 -3.38
C GLY A 166 25.84 -7.86 -2.34
N VAL A 167 24.62 -7.37 -2.53
CA VAL A 167 24.03 -6.40 -1.61
C VAL A 167 23.65 -7.08 -0.28
N PRO A 168 23.93 -6.42 0.85
CA PRO A 168 23.62 -6.98 2.16
C PRO A 168 22.15 -7.00 2.51
N VAL A 169 21.81 -7.79 3.54
CA VAL A 169 20.45 -7.93 4.02
C VAL A 169 20.43 -7.44 5.45
N THR A 170 19.40 -6.69 5.83
CA THR A 170 19.26 -6.17 7.17
C THR A 170 17.83 -6.52 7.62
N THR A 171 17.67 -6.85 8.89
CA THR A 171 16.35 -7.26 9.36
C THR A 171 15.76 -6.52 10.55
N HIS A 172 14.45 -6.65 10.68
CA HIS A 172 13.68 -6.10 11.79
C HIS A 172 13.37 -7.36 12.58
N THR A 173 13.50 -7.31 13.90
CA THR A 173 13.20 -8.49 14.72
C THR A 173 12.45 -8.14 15.99
N ALA A 174 11.85 -9.18 16.58
CA ALA A 174 11.18 -9.04 17.87
C ALA A 174 12.29 -9.68 18.69
N ALA A 175 13.34 -8.90 18.93
CA ALA A 175 14.53 -9.35 19.65
C ALA A 175 14.23 -10.18 20.89
N SER A 176 13.32 -9.71 21.75
CA SER A 176 13.01 -10.45 22.97
C SER A 176 12.54 -11.87 22.70
N GLN A 177 12.09 -12.15 21.48
CA GLN A 177 11.62 -13.49 21.13
C GLN A 177 12.63 -14.25 20.29
N ARG A 178 13.85 -13.70 20.20
CA ARG A 178 14.93 -14.35 19.47
C ARG A 178 14.69 -14.62 17.97
N ASP A 179 13.88 -13.80 17.31
CA ASP A 179 13.62 -13.99 15.88
C ASP A 179 14.90 -14.24 15.10
N GLY A 180 15.97 -13.55 15.51
CA GLY A 180 17.25 -13.68 14.83
C GLY A 180 17.67 -15.12 14.51
N GLU A 181 17.39 -16.03 15.43
CA GLU A 181 17.75 -17.42 15.22
C GLU A 181 17.03 -18.04 14.02
N GLN A 182 15.72 -17.84 13.91
CA GLN A 182 15.04 -18.42 12.77
C GLN A 182 15.43 -17.71 11.47
N GLN A 183 15.63 -16.41 11.53
CA GLN A 183 16.03 -15.67 10.33
C GLN A 183 17.34 -16.26 9.80
N ALA A 184 18.28 -16.49 10.70
CA ALA A 184 19.57 -17.06 10.34
C ALA A 184 19.47 -18.45 9.73
N ALA A 185 18.55 -19.25 10.26
CA ALA A 185 18.36 -20.62 9.78
C ALA A 185 17.91 -20.58 8.32
N ILE A 186 16.95 -19.70 8.03
CA ILE A 186 16.43 -19.58 6.68
C ILE A 186 17.51 -19.03 5.73
N PHE A 187 18.22 -18.00 6.19
CA PHE A 187 19.27 -17.39 5.40
C PHE A 187 20.33 -18.41 5.02
N GLU A 188 20.80 -19.18 6.00
CA GLU A 188 21.82 -20.17 5.75
C GLU A 188 21.32 -21.35 4.91
N SER A 189 20.01 -21.59 4.91
CA SER A 189 19.48 -22.70 4.11
C SER A 189 19.53 -22.32 2.64
N GLU A 190 19.73 -21.03 2.37
CA GLU A 190 19.82 -20.51 1.01
C GLU A 190 21.27 -20.28 0.61
N GLY A 191 22.19 -20.57 1.52
CA GLY A 191 23.60 -20.40 1.24
C GLY A 191 24.15 -19.00 1.42
N LEU A 192 23.38 -18.14 2.09
CA LEU A 192 23.81 -16.77 2.31
C LEU A 192 24.81 -16.71 3.46
N SER A 193 25.92 -16.02 3.24
CA SER A 193 26.94 -15.88 4.27
C SER A 193 26.45 -14.96 5.38
N PRO A 194 26.60 -15.37 6.64
CA PRO A 194 26.16 -14.55 7.78
C PRO A 194 26.78 -13.15 7.78
N SER A 195 27.94 -13.00 7.15
CA SER A 195 28.62 -11.70 7.09
C SER A 195 27.86 -10.71 6.21
N ARG A 196 26.87 -11.19 5.47
CA ARG A 196 26.07 -10.34 4.58
C ARG A 196 24.78 -9.94 5.29
N VAL A 197 24.61 -10.40 6.52
CA VAL A 197 23.39 -10.14 7.27
C VAL A 197 23.50 -9.39 8.59
N CYS A 198 22.61 -8.43 8.79
CA CYS A 198 22.57 -7.69 10.04
C CYS A 198 21.25 -7.99 10.74
N ILE A 199 21.34 -8.54 11.95
CA ILE A 199 20.14 -8.85 12.73
C ILE A 199 19.82 -7.58 13.51
N GLY A 200 18.77 -6.87 13.08
CA GLY A 200 18.39 -5.61 13.71
C GLY A 200 17.54 -5.63 14.97
N HIS A 201 17.39 -4.43 15.55
CA HIS A 201 16.63 -4.21 16.78
C HIS A 201 17.09 -5.14 17.88
N SER A 202 18.35 -5.54 17.82
CA SER A 202 18.89 -6.45 18.81
C SER A 202 19.11 -5.79 20.18
N ASP A 203 19.03 -4.46 20.23
CA ASP A 203 19.19 -3.80 21.52
C ASP A 203 17.87 -3.82 22.28
N ASP A 204 16.84 -4.37 21.65
CA ASP A 204 15.51 -4.49 22.26
C ASP A 204 15.49 -5.65 23.28
N THR A 205 16.57 -6.43 23.34
CA THR A 205 16.62 -7.53 24.29
C THR A 205 17.82 -7.40 25.22
N ASP A 206 17.70 -7.97 26.41
CA ASP A 206 18.76 -7.95 27.40
C ASP A 206 19.45 -9.31 27.44
N ASP A 207 19.03 -10.20 26.54
CA ASP A 207 19.61 -11.54 26.48
C ASP A 207 20.90 -11.52 25.68
N LEU A 208 22.01 -11.25 26.36
CA LEU A 208 23.31 -11.19 25.71
C LEU A 208 23.67 -12.56 25.12
N SER A 209 23.23 -13.62 25.78
CA SER A 209 23.51 -14.98 25.33
C SER A 209 23.04 -15.15 23.88
N TYR A 210 21.84 -14.62 23.61
CA TYR A 210 21.26 -14.70 22.28
C TYR A 210 22.06 -13.91 21.25
N LEU A 211 22.52 -12.73 21.64
CA LEU A 211 23.30 -11.87 20.76
C LEU A 211 24.70 -12.42 20.47
N THR A 212 25.41 -12.87 21.52
CA THR A 212 26.75 -13.40 21.33
C THR A 212 26.78 -14.66 20.47
N ALA A 213 25.77 -15.52 20.62
CA ALA A 213 25.72 -16.74 19.83
C ALA A 213 25.58 -16.40 18.34
N LEU A 214 24.76 -15.40 18.02
CA LEU A 214 24.59 -14.99 16.62
C LEU A 214 25.88 -14.35 16.12
N ALA A 215 26.50 -13.54 16.97
CA ALA A 215 27.74 -12.88 16.60
C ALA A 215 28.85 -13.91 16.35
N ALA A 216 28.87 -14.99 17.14
CA ALA A 216 29.89 -16.00 16.97
C ALA A 216 29.77 -16.73 15.64
N ARG A 217 28.58 -16.66 15.04
CA ARG A 217 28.33 -17.31 13.76
C ARG A 217 28.68 -16.43 12.57
N GLY A 218 29.00 -15.16 12.83
CA GLY A 218 29.36 -14.28 11.74
C GLY A 218 28.35 -13.19 11.42
N TYR A 219 27.20 -13.22 12.10
CA TYR A 219 26.19 -12.19 11.83
C TYR A 219 26.57 -10.85 12.42
N LEU A 220 26.09 -9.79 11.78
CA LEU A 220 26.34 -8.46 12.30
C LEU A 220 25.15 -8.20 13.23
N ILE A 221 25.40 -7.52 14.33
CA ILE A 221 24.35 -7.24 15.30
C ILE A 221 23.97 -5.77 15.25
N GLY A 222 22.71 -5.51 14.92
CA GLY A 222 22.25 -4.12 14.85
C GLY A 222 21.67 -3.60 16.15
N LEU A 223 22.42 -2.71 16.81
CA LEU A 223 21.99 -2.08 18.04
C LEU A 223 21.56 -0.72 17.50
N ASP A 224 20.38 -0.73 16.89
CA ASP A 224 19.83 0.43 16.20
C ASP A 224 18.70 1.25 16.81
N ARG A 225 18.30 0.95 18.04
CA ARG A 225 17.21 1.70 18.66
C ARG A 225 17.62 2.31 20.01
N ILE A 226 18.90 2.69 20.12
CA ILE A 226 19.44 3.24 21.37
C ILE A 226 18.59 4.32 22.05
N PRO A 227 18.12 5.34 21.30
CA PRO A 227 17.31 6.37 21.96
C PRO A 227 15.87 6.02 22.32
N PHE A 228 15.42 4.83 21.95
CA PHE A 228 14.05 4.39 22.23
C PHE A 228 13.80 4.11 23.71
N SER A 229 13.06 5.00 24.36
CA SER A 229 12.75 4.84 25.78
C SER A 229 11.46 5.58 26.12
N ALA A 230 10.53 4.87 26.75
CA ALA A 230 9.26 5.46 27.14
C ALA A 230 9.27 5.80 28.63
N ILE A 231 10.46 5.89 29.22
CA ILE A 231 10.59 6.22 30.63
C ILE A 231 10.10 7.65 30.86
N GLY A 232 9.17 7.79 31.80
CA GLY A 232 8.60 9.11 32.09
C GLY A 232 7.28 9.28 31.36
N LEU A 233 6.98 8.34 30.47
CA LEU A 233 5.73 8.40 29.70
C LEU A 233 4.90 7.17 30.01
N GLU A 234 4.98 6.68 31.25
CA GLU A 234 4.25 5.49 31.66
C GLU A 234 2.75 5.53 31.34
N ASP A 235 2.16 6.72 31.37
CA ASP A 235 0.73 6.85 31.10
C ASP A 235 0.39 6.80 29.61
N ASN A 236 1.39 6.67 28.76
CA ASN A 236 1.18 6.60 27.31
C ASN A 236 1.37 5.17 26.85
N ALA A 237 0.29 4.41 26.80
CA ALA A 237 0.34 3.00 26.39
C ALA A 237 0.97 2.75 25.02
N SER A 238 0.54 3.50 24.00
CA SER A 238 1.08 3.30 22.66
C SER A 238 2.59 3.58 22.61
N ALA A 239 3.00 4.71 23.21
CA ALA A 239 4.41 5.08 23.23
C ALA A 239 5.25 4.03 23.97
N SER A 240 4.68 3.46 25.03
CA SER A 240 5.37 2.44 25.83
C SER A 240 5.56 1.12 25.07
N ALA A 241 4.54 0.72 24.32
CA ALA A 241 4.61 -0.53 23.57
C ALA A 241 5.69 -0.48 22.49
N LEU A 242 5.89 0.69 21.88
CA LEU A 242 6.90 0.82 20.83
C LEU A 242 8.29 1.14 21.36
N LEU A 243 8.37 2.08 22.30
CA LEU A 243 9.66 2.50 22.84
C LEU A 243 10.27 1.65 23.95
N GLY A 244 9.43 0.96 24.72
CA GLY A 244 9.94 0.14 25.80
C GLY A 244 10.19 0.96 27.06
N ILE A 245 10.54 0.29 28.15
CA ILE A 245 10.79 0.97 29.42
C ILE A 245 12.26 0.90 29.85
N ARG A 246 13.14 0.49 28.94
CA ARG A 246 14.56 0.41 29.23
C ARG A 246 15.23 1.73 28.81
N SER A 247 16.18 2.19 29.61
CA SER A 247 16.88 3.46 29.32
C SER A 247 17.82 3.34 28.12
N TRP A 248 18.19 4.48 27.56
CA TRP A 248 19.10 4.48 26.42
C TRP A 248 20.49 4.01 26.88
N GLN A 249 20.83 4.25 28.13
CA GLN A 249 22.13 3.82 28.64
C GLN A 249 22.20 2.29 28.64
N THR A 250 21.08 1.66 29.00
CA THR A 250 21.01 0.20 29.03
C THR A 250 21.23 -0.36 27.63
N ARG A 251 20.53 0.21 26.65
CA ARG A 251 20.68 -0.25 25.28
C ARG A 251 22.12 -0.03 24.81
N ALA A 252 22.65 1.16 25.12
CA ALA A 252 24.02 1.51 24.74
C ALA A 252 25.07 0.60 25.35
N LEU A 253 24.87 0.21 26.59
CA LEU A 253 25.84 -0.67 27.26
C LEU A 253 25.96 -2.02 26.56
N LEU A 254 24.96 -2.39 25.78
CA LEU A 254 25.03 -3.66 25.05
C LEU A 254 26.15 -3.53 24.00
N ILE A 255 26.40 -2.31 23.55
CA ILE A 255 27.47 -2.07 22.58
C ILE A 255 28.80 -2.39 23.28
N LYS A 256 28.96 -1.90 24.50
CA LYS A 256 30.18 -2.17 25.26
C LYS A 256 30.27 -3.66 25.55
N ALA A 257 29.16 -4.26 25.96
CA ALA A 257 29.15 -5.68 26.27
C ALA A 257 29.68 -6.51 25.12
N LEU A 258 29.13 -6.28 23.93
CA LEU A 258 29.57 -7.04 22.75
C LEU A 258 31.03 -6.76 22.42
N ILE A 259 31.48 -5.55 22.70
CA ILE A 259 32.86 -5.18 22.46
C ILE A 259 33.75 -5.99 23.41
N ASP A 260 33.35 -6.04 24.68
CA ASP A 260 34.10 -6.76 25.69
C ASP A 260 34.16 -8.26 25.37
N GLN A 261 33.14 -8.78 24.69
CA GLN A 261 33.09 -10.19 24.31
C GLN A 261 33.97 -10.44 23.10
N GLY A 262 34.54 -9.38 22.54
CA GLY A 262 35.41 -9.50 21.38
C GLY A 262 34.72 -9.42 20.01
N TYR A 263 33.53 -8.82 19.95
CA TYR A 263 32.80 -8.73 18.68
C TYR A 263 32.64 -7.32 18.11
N MET A 264 33.60 -6.44 18.35
CA MET A 264 33.52 -5.08 17.83
C MET A 264 33.29 -4.98 16.32
N LYS A 265 33.91 -5.88 15.54
CA LYS A 265 33.73 -5.84 14.10
C LYS A 265 32.34 -6.31 13.67
N GLN A 266 31.57 -6.82 14.63
CA GLN A 266 30.23 -7.33 14.35
C GLN A 266 29.10 -6.38 14.72
N ILE A 267 29.47 -5.21 15.17
CA ILE A 267 28.47 -4.25 15.62
C ILE A 267 28.18 -3.11 14.66
N LEU A 268 26.90 -2.75 14.57
CA LEU A 268 26.43 -1.65 13.75
C LEU A 268 25.44 -0.93 14.65
N VAL A 269 25.60 0.38 14.81
CA VAL A 269 24.70 1.14 15.67
C VAL A 269 23.94 2.21 14.90
N SER A 270 22.72 2.50 15.35
CA SER A 270 21.90 3.52 14.71
C SER A 270 20.80 3.99 15.67
N ASN A 271 19.91 4.85 15.19
CA ASN A 271 18.81 5.42 16.00
C ASN A 271 17.42 4.89 15.64
N ASP A 272 17.27 4.42 14.41
CA ASP A 272 15.97 3.97 13.90
C ASP A 272 15.03 5.17 14.00
N TRP A 273 15.56 6.35 13.69
CA TRP A 273 14.76 7.56 13.74
C TRP A 273 14.06 7.83 12.41
N LEU A 274 13.21 8.85 12.42
CA LEU A 274 12.46 9.26 11.25
C LEU A 274 11.98 10.68 11.47
N PHE A 275 11.54 11.34 10.40
CA PHE A 275 11.07 12.71 10.50
C PHE A 275 9.55 12.79 10.32
N GLY A 276 8.98 11.67 9.86
CA GLY A 276 7.54 11.55 9.65
C GLY A 276 7.18 10.13 10.03
N PHE A 277 6.01 9.91 10.62
CA PHE A 277 5.60 8.58 11.07
C PHE A 277 4.06 8.45 10.99
N SER A 278 3.55 7.81 9.94
CA SER A 278 2.11 7.67 9.76
C SER A 278 1.59 6.24 10.01
N SER A 279 2.49 5.28 10.00
CA SER A 279 2.08 3.89 10.22
C SER A 279 1.91 3.51 11.70
N TYR A 280 1.55 4.49 12.52
CA TYR A 280 1.34 4.26 13.95
C TYR A 280 0.31 5.29 14.43
N VAL A 281 0.05 5.33 15.73
CA VAL A 281 -0.93 6.27 16.27
C VAL A 281 -0.56 7.70 15.88
N THR A 282 -1.56 8.56 15.73
CA THR A 282 -1.34 9.95 15.37
C THR A 282 -0.51 10.67 16.43
N ASN A 283 0.38 11.55 15.98
CA ASN A 283 1.22 12.32 16.89
C ASN A 283 2.31 11.56 17.64
N ILE A 284 2.64 10.36 17.17
CA ILE A 284 3.69 9.58 17.81
C ILE A 284 5.01 10.30 17.53
N MET A 285 5.08 10.96 16.38
CA MET A 285 6.28 11.69 16.00
C MET A 285 6.58 12.77 17.05
N ASP A 286 5.54 13.51 17.45
CA ASP A 286 5.70 14.56 18.46
C ASP A 286 6.24 13.99 19.77
N VAL A 287 5.70 12.84 20.17
CA VAL A 287 6.13 12.18 21.40
C VAL A 287 7.61 11.78 21.28
N MET A 288 7.96 11.16 20.16
CA MET A 288 9.34 10.74 19.94
C MET A 288 10.32 11.91 19.94
N ASP A 289 9.98 12.98 19.26
CA ASP A 289 10.85 14.14 19.20
C ASP A 289 11.11 14.76 20.58
N ARG A 290 10.18 14.58 21.52
CA ARG A 290 10.37 15.09 22.87
C ARG A 290 11.36 14.17 23.58
N VAL A 291 11.14 12.86 23.41
CA VAL A 291 12.00 11.86 24.01
C VAL A 291 13.44 12.05 23.53
N ASN A 292 13.61 12.35 22.25
CA ASN A 292 14.94 12.53 21.68
C ASN A 292 15.04 13.66 20.68
N PRO A 293 15.21 14.90 21.17
CA PRO A 293 15.32 16.08 20.29
C PRO A 293 16.55 16.06 19.38
N ASP A 294 17.54 15.24 19.72
CA ASP A 294 18.75 15.12 18.91
C ASP A 294 18.47 14.34 17.64
N GLY A 295 17.41 13.55 17.65
CA GLY A 295 17.08 12.75 16.48
C GLY A 295 18.24 11.85 16.07
N MET A 296 18.61 11.88 14.79
CA MET A 296 19.69 11.05 14.29
C MET A 296 21.07 11.45 14.81
N ALA A 297 21.18 12.61 15.44
CA ALA A 297 22.47 13.04 15.99
C ALA A 297 22.68 12.44 17.37
N PHE A 298 21.68 11.70 17.85
CA PHE A 298 21.76 11.07 19.17
C PHE A 298 23.01 10.21 19.29
N ILE A 299 23.26 9.38 18.28
CA ILE A 299 24.42 8.50 18.31
C ILE A 299 25.76 9.25 18.50
N PRO A 300 26.10 10.19 17.59
CA PRO A 300 27.36 10.90 17.74
C PRO A 300 27.44 11.85 18.94
N LEU A 301 26.33 12.51 19.27
CA LEU A 301 26.32 13.45 20.39
C LEU A 301 26.24 12.84 21.79
N ARG A 302 25.50 11.75 21.95
CA ARG A 302 25.37 11.16 23.28
C ARG A 302 25.98 9.76 23.45
N VAL A 303 25.66 8.84 22.55
CA VAL A 303 26.16 7.48 22.67
C VAL A 303 27.67 7.31 22.56
N ILE A 304 28.29 7.95 21.57
CA ILE A 304 29.73 7.85 21.40
C ILE A 304 30.49 8.35 22.64
N PRO A 305 30.14 9.55 23.15
CA PRO A 305 30.82 10.08 24.33
C PRO A 305 30.54 9.22 25.56
N PHE A 306 29.33 8.67 25.63
CA PHE A 306 28.94 7.81 26.75
C PHE A 306 29.81 6.58 26.80
N LEU A 307 29.94 5.89 25.66
CA LEU A 307 30.76 4.68 25.60
C LEU A 307 32.21 5.04 25.89
N ARG A 308 32.64 6.19 25.37
CA ARG A 308 34.00 6.65 25.56
C ARG A 308 34.31 6.79 27.05
N GLU A 309 33.35 7.29 27.82
CA GLU A 309 33.56 7.48 29.25
C GLU A 309 33.41 6.19 30.05
N LYS A 310 32.92 5.15 29.40
CA LYS A 310 32.77 3.86 30.06
C LYS A 310 34.00 3.01 29.76
N GLY A 311 35.01 3.63 29.15
CA GLY A 311 36.23 2.90 28.84
C GLY A 311 36.41 2.38 27.42
N VAL A 312 35.46 2.64 26.53
CA VAL A 312 35.61 2.15 25.16
C VAL A 312 36.58 3.05 24.39
N PRO A 313 37.62 2.44 23.79
CA PRO A 313 38.61 3.21 23.02
C PRO A 313 37.99 3.98 21.85
N GLN A 314 38.46 5.20 21.64
CA GLN A 314 37.94 6.04 20.57
C GLN A 314 38.07 5.35 19.22
N GLU A 315 39.20 4.68 19.00
CA GLU A 315 39.42 3.96 17.75
C GLU A 315 38.42 2.84 17.53
N THR A 316 38.09 2.12 18.59
CA THR A 316 37.12 1.04 18.50
C THR A 316 35.78 1.63 18.09
N LEU A 317 35.52 2.86 18.51
CA LEU A 317 34.28 3.54 18.18
C LEU A 317 34.30 3.97 16.72
N ALA A 318 35.49 4.29 16.20
CA ALA A 318 35.62 4.68 14.81
C ALA A 318 35.42 3.44 13.96
N GLY A 319 35.97 2.32 14.41
CA GLY A 319 35.83 1.08 13.66
C GLY A 319 34.36 0.69 13.53
N ILE A 320 33.61 0.91 14.59
CA ILE A 320 32.20 0.56 14.60
C ILE A 320 31.31 1.44 13.72
N THR A 321 31.55 2.74 13.73
CA THR A 321 30.74 3.67 12.94
C THR A 321 31.23 3.96 11.54
N VAL A 322 32.48 3.58 11.24
CA VAL A 322 33.04 3.83 9.92
C VAL A 322 33.45 2.56 9.18
N THR A 323 34.27 1.74 9.82
CA THR A 323 34.75 0.52 9.20
C THR A 323 33.71 -0.57 8.98
N ASN A 324 32.96 -0.92 10.03
CA ASN A 324 31.94 -1.95 9.92
C ASN A 324 30.90 -1.62 8.84
N PRO A 325 30.32 -0.42 8.86
CA PRO A 325 29.32 -0.06 7.85
C PRO A 325 29.86 -0.19 6.43
N ALA A 326 31.09 0.26 6.21
CA ALA A 326 31.72 0.19 4.90
C ALA A 326 31.90 -1.26 4.45
N ARG A 327 32.35 -2.10 5.37
CA ARG A 327 32.57 -3.52 5.08
C ARG A 327 31.23 -4.18 4.77
N PHE A 328 30.21 -3.80 5.53
CA PHE A 328 28.86 -4.34 5.38
C PHE A 328 28.19 -3.93 4.06
N LEU A 329 28.17 -2.63 3.76
CA LEU A 329 27.52 -2.13 2.55
C LEU A 329 28.19 -2.46 1.22
N SER A 330 29.52 -2.59 1.22
CA SER A 330 30.22 -2.90 -0.03
C SER A 330 29.66 -4.18 -0.65
N PRO A 331 29.09 -4.10 -1.88
CA PRO A 331 28.55 -5.32 -2.49
C PRO A 331 29.62 -6.43 -2.51
N THR A 332 29.25 -7.61 -2.05
CA THR A 332 30.17 -8.74 -1.99
C THR A 332 29.53 -10.04 -2.47
N LEU A 333 30.09 -10.64 -3.52
CA LEU A 333 29.59 -11.91 -4.05
C LEU A 333 30.37 -13.05 -3.41
N ARG A 334 29.71 -14.19 -3.16
CA ARG A 334 30.43 -15.32 -2.55
C ARG A 334 31.44 -15.92 -3.50
N ALA A 335 32.62 -16.22 -2.95
CA ALA A 335 33.73 -16.81 -3.72
C ALA A 335 33.27 -17.82 -4.76
N SER A 336 33.84 -17.71 -5.96
CA SER A 336 33.51 -18.61 -7.06
C SER A 336 34.01 -20.03 -6.76
N SER B 1 -34.12 17.49 -1.15
CA SER B 1 -32.66 17.51 -1.52
C SER B 1 -32.35 18.58 -2.54
N ILE B 2 -31.08 18.95 -2.60
CA ILE B 2 -30.62 19.95 -3.57
C ILE B 2 -29.33 19.48 -4.19
N GLY B 3 -28.94 20.14 -5.28
CA GLY B 3 -27.71 19.78 -5.94
C GLY B 3 -26.54 20.64 -5.54
N THR B 4 -25.41 20.45 -6.24
CA THR B 4 -24.20 21.22 -5.96
C THR B 4 -23.76 21.98 -7.20
N GLY B 5 -24.24 21.55 -8.36
CA GLY B 5 -23.88 22.22 -9.60
C GLY B 5 -24.39 21.51 -10.84
N ASP B 6 -24.99 20.34 -10.66
CA ASP B 6 -25.53 19.57 -11.77
C ASP B 6 -24.42 19.13 -12.72
N ARG B 7 -23.28 18.76 -12.15
CA ARG B 7 -22.16 18.32 -12.97
C ARG B 7 -21.44 17.16 -12.28
N ILE B 8 -20.93 16.23 -13.08
CA ILE B 8 -20.22 15.08 -12.54
C ILE B 8 -18.72 15.17 -12.82
N ASN B 9 -17.91 14.96 -11.80
CA ASN B 9 -16.45 15.01 -11.94
C ASN B 9 -15.92 13.76 -12.64
N THR B 10 -15.05 13.96 -13.64
CA THR B 10 -14.41 12.85 -14.35
C THR B 10 -12.93 13.15 -14.33
N VAL B 11 -12.11 12.20 -14.79
CA VAL B 11 -10.67 12.43 -14.79
C VAL B 11 -10.25 13.46 -15.83
N ARG B 12 -11.18 13.89 -16.68
CA ARG B 12 -10.87 14.92 -17.68
C ARG B 12 -11.57 16.22 -17.28
N GLY B 13 -12.20 16.22 -16.11
CA GLY B 13 -12.90 17.40 -15.65
C GLY B 13 -14.39 17.15 -15.51
N PRO B 14 -15.17 18.20 -15.19
CA PRO B 14 -16.62 18.04 -15.03
C PRO B 14 -17.36 17.87 -16.35
N ILE B 15 -18.41 17.07 -16.34
CA ILE B 15 -19.23 16.86 -17.53
C ILE B 15 -20.68 17.00 -17.10
N THR B 16 -21.57 17.32 -18.04
CA THR B 16 -22.97 17.46 -17.70
C THR B 16 -23.60 16.07 -17.59
N ILE B 17 -24.70 16.00 -16.86
CA ILE B 17 -25.40 14.74 -16.66
C ILE B 17 -25.75 14.10 -18.01
N SER B 18 -26.16 14.93 -18.98
CA SER B 18 -26.53 14.42 -20.29
C SER B 18 -25.33 13.80 -21.02
N GLU B 19 -24.13 14.33 -20.76
CA GLU B 19 -22.92 13.82 -21.39
C GLU B 19 -22.52 12.41 -20.90
N ALA B 20 -22.96 12.04 -19.71
CA ALA B 20 -22.61 10.72 -19.17
C ALA B 20 -23.10 9.60 -20.08
N GLY B 21 -24.36 9.71 -20.52
CA GLY B 21 -24.92 8.70 -21.40
C GLY B 21 -24.86 7.31 -20.80
N PHE B 22 -24.74 6.30 -21.66
CA PHE B 22 -24.66 4.90 -21.23
C PHE B 22 -23.49 4.80 -20.25
N THR B 23 -23.78 4.42 -19.01
CA THR B 23 -22.74 4.33 -17.97
C THR B 23 -22.60 2.98 -17.30
N LEU B 24 -21.36 2.50 -17.21
CA LEU B 24 -21.05 1.24 -16.52
C LEU B 24 -20.60 1.73 -15.14
N THR B 25 -21.43 1.47 -14.12
CA THR B 25 -21.17 1.96 -12.78
C THR B 25 -20.17 1.27 -11.84
N HIS B 26 -19.63 0.13 -12.25
CA HIS B 26 -18.64 -0.53 -11.41
C HIS B 26 -17.62 -1.23 -12.28
N GLU B 27 -16.51 -0.54 -12.54
CA GLU B 27 -15.44 -1.06 -13.36
C GLU B 27 -14.06 -0.71 -12.79
N HIS B 28 -13.03 -1.32 -13.37
CA HIS B 28 -11.66 -1.07 -12.96
C HIS B 28 -10.75 -1.05 -14.17
N ILE B 29 -9.82 -0.10 -14.21
CA ILE B 29 -8.86 -0.10 -15.31
C ILE B 29 -7.81 -1.11 -14.86
N CYS B 30 -7.49 -1.10 -13.57
CA CYS B 30 -6.51 -2.02 -13.01
C CYS B 30 -6.77 -2.36 -11.54
N GLY B 31 -6.82 -3.65 -11.22
CA GLY B 31 -7.02 -4.07 -9.83
C GLY B 31 -5.65 -4.36 -9.26
N SER B 32 -5.15 -3.48 -8.40
CA SER B 32 -3.81 -3.65 -7.86
C SER B 32 -3.73 -3.22 -6.39
N SER B 33 -2.61 -2.58 -6.04
CA SER B 33 -2.37 -2.10 -4.68
C SER B 33 -1.64 -0.76 -4.72
N ALA B 34 -1.81 0.04 -3.67
CA ALA B 34 -1.16 1.35 -3.59
C ALA B 34 0.32 1.26 -3.97
N GLY B 35 0.72 2.08 -4.92
CA GLY B 35 2.10 2.13 -5.36
C GLY B 35 2.66 0.97 -6.17
N PHE B 36 1.92 -0.12 -6.27
CA PHE B 36 2.39 -1.30 -7.01
C PHE B 36 2.66 -1.10 -8.49
N LEU B 37 1.75 -0.44 -9.20
CA LEU B 37 1.94 -0.22 -10.65
C LEU B 37 3.21 0.56 -10.96
N ARG B 38 3.52 1.56 -10.15
CA ARG B 38 4.71 2.36 -10.38
C ARG B 38 5.99 1.67 -9.93
N ALA B 39 5.87 0.77 -8.96
CA ALA B 39 7.05 0.07 -8.46
C ALA B 39 7.40 -1.21 -9.23
N TRP B 40 6.38 -1.89 -9.75
CA TRP B 40 6.59 -3.15 -10.47
C TRP B 40 5.73 -3.23 -11.74
N PRO B 41 5.84 -2.24 -12.63
CA PRO B 41 5.05 -2.25 -13.86
C PRO B 41 5.22 -3.49 -14.74
N GLU B 42 6.38 -4.14 -14.67
CA GLU B 42 6.63 -5.33 -15.47
C GLU B 42 5.70 -6.48 -15.12
N PHE B 43 5.05 -6.40 -13.96
CA PHE B 43 4.13 -7.45 -13.56
C PHE B 43 3.00 -7.52 -14.59
N PHE B 44 2.68 -6.37 -15.18
CA PHE B 44 1.64 -6.28 -16.20
C PHE B 44 2.30 -6.22 -17.56
N GLY B 45 3.54 -6.70 -17.63
CA GLY B 45 4.27 -6.64 -18.89
C GLY B 45 5.01 -5.32 -18.89
N SER B 46 4.23 -4.23 -18.85
CA SER B 46 4.76 -2.88 -18.82
C SER B 46 3.58 -1.93 -18.70
N ARG B 47 3.85 -0.71 -18.22
CA ARG B 47 2.78 0.27 -18.07
C ARG B 47 2.16 0.57 -19.43
N LYS B 48 3.01 0.72 -20.44
CA LYS B 48 2.53 1.01 -21.80
C LYS B 48 1.59 -0.08 -22.31
N ALA B 49 1.98 -1.33 -22.10
CA ALA B 49 1.16 -2.44 -22.57
C ALA B 49 -0.19 -2.46 -21.84
N LEU B 50 -0.19 -2.09 -20.56
CA LEU B 50 -1.42 -2.06 -19.79
C LEU B 50 -2.34 -0.97 -20.34
N ALA B 51 -1.76 0.20 -20.57
CA ALA B 51 -2.53 1.33 -21.10
C ALA B 51 -3.15 0.97 -22.46
N GLU B 52 -2.35 0.39 -23.34
CA GLU B 52 -2.83 0.01 -24.67
C GLU B 52 -3.96 -1.02 -24.59
N LYS B 53 -3.84 -1.98 -23.66
CA LYS B 53 -4.89 -2.97 -23.50
C LYS B 53 -6.16 -2.26 -23.00
N ALA B 54 -5.99 -1.33 -22.07
CA ALA B 54 -7.13 -0.59 -21.54
C ALA B 54 -7.80 0.23 -22.66
N VAL B 55 -6.99 0.90 -23.48
CA VAL B 55 -7.51 1.70 -24.57
C VAL B 55 -8.29 0.83 -25.57
N ARG B 56 -7.70 -0.30 -25.98
CA ARG B 56 -8.37 -1.19 -26.91
C ARG B 56 -9.69 -1.63 -26.31
N GLY B 57 -9.65 -2.03 -25.04
CA GLY B 57 -10.85 -2.49 -24.35
C GLY B 57 -11.92 -1.41 -24.28
N LEU B 58 -11.55 -0.20 -23.86
CA LEU B 58 -12.50 0.89 -23.75
C LEU B 58 -13.07 1.31 -25.11
N ARG B 59 -12.27 1.21 -26.17
CA ARG B 59 -12.74 1.58 -27.50
C ARG B 59 -13.81 0.59 -27.95
N ARG B 60 -13.60 -0.69 -27.64
CA ARG B 60 -14.57 -1.70 -28.00
C ARG B 60 -15.86 -1.51 -27.22
N ALA B 61 -15.74 -1.08 -25.96
CA ALA B 61 -16.93 -0.82 -25.16
C ALA B 61 -17.65 0.40 -25.73
N ARG B 62 -16.88 1.40 -26.13
CA ARG B 62 -17.43 2.63 -26.70
C ARG B 62 -18.16 2.30 -28.01
N ALA B 63 -17.55 1.45 -28.83
CA ALA B 63 -18.15 1.07 -30.10
C ALA B 63 -19.51 0.45 -29.86
N ALA B 64 -19.65 -0.26 -28.74
CA ALA B 64 -20.93 -0.89 -28.39
C ALA B 64 -21.87 0.08 -27.70
N GLY B 65 -21.47 1.35 -27.60
CA GLY B 65 -22.33 2.34 -26.99
C GLY B 65 -21.98 2.90 -25.62
N VAL B 66 -20.99 2.33 -24.94
CA VAL B 66 -20.61 2.84 -23.62
C VAL B 66 -19.89 4.18 -23.75
N ARG B 67 -20.35 5.18 -23.01
CA ARG B 67 -19.76 6.51 -23.05
C ARG B 67 -19.04 6.85 -21.77
N THR B 68 -19.43 6.19 -20.68
CA THR B 68 -18.83 6.46 -19.38
C THR B 68 -18.70 5.23 -18.50
N ILE B 69 -17.59 5.13 -17.78
CA ILE B 69 -17.45 4.03 -16.83
C ILE B 69 -17.02 4.67 -15.50
N VAL B 70 -17.40 4.03 -14.41
CA VAL B 70 -17.04 4.52 -13.09
C VAL B 70 -15.96 3.55 -12.62
N ASP B 71 -14.74 4.03 -12.48
CA ASP B 71 -13.66 3.18 -12.01
C ASP B 71 -13.70 3.28 -10.49
N VAL B 72 -14.21 2.24 -9.84
CA VAL B 72 -14.34 2.24 -8.39
C VAL B 72 -13.07 1.86 -7.64
N SER B 73 -11.92 2.04 -8.28
CA SER B 73 -10.64 1.73 -7.66
C SER B 73 -10.29 2.80 -6.63
N THR B 74 -10.09 2.34 -5.39
CA THR B 74 -9.76 3.23 -4.30
C THR B 74 -8.24 3.28 -4.18
N PHE B 75 -7.78 4.12 -3.26
CA PHE B 75 -6.36 4.26 -2.97
C PHE B 75 -5.71 2.88 -2.76
N ASP B 76 -6.33 2.04 -1.94
CA ASP B 76 -5.74 0.72 -1.67
C ASP B 76 -5.93 -0.32 -2.77
N ILE B 77 -6.66 0.03 -3.82
CA ILE B 77 -6.82 -0.89 -4.94
C ILE B 77 -5.76 -0.46 -5.96
N GLY B 78 -4.91 0.48 -5.56
CA GLY B 78 -3.84 0.94 -6.44
C GLY B 78 -4.24 1.92 -7.52
N ARG B 79 -5.38 2.57 -7.34
CA ARG B 79 -5.87 3.57 -8.29
C ARG B 79 -4.71 4.48 -8.73
N ASP B 80 -4.58 4.68 -10.03
CA ASP B 80 -3.53 5.54 -10.58
C ASP B 80 -4.26 6.51 -11.47
N VAL B 81 -4.67 7.64 -10.92
CA VAL B 81 -5.43 8.63 -11.67
C VAL B 81 -4.78 9.09 -12.98
N SER B 82 -3.44 9.09 -13.02
CA SER B 82 -2.76 9.51 -14.25
C SER B 82 -3.05 8.50 -15.35
N LEU B 83 -3.04 7.22 -15.01
CA LEU B 83 -3.33 6.18 -15.99
C LEU B 83 -4.77 6.31 -16.47
N LEU B 84 -5.67 6.62 -15.54
CA LEU B 84 -7.08 6.79 -15.91
C LEU B 84 -7.27 7.95 -16.87
N ALA B 85 -6.65 9.08 -16.57
CA ALA B 85 -6.76 10.26 -17.41
C ALA B 85 -6.20 9.97 -18.80
N GLU B 86 -5.06 9.30 -18.83
CA GLU B 86 -4.42 8.95 -20.10
C GLU B 86 -5.29 8.05 -20.96
N VAL B 87 -5.77 6.95 -20.41
CA VAL B 87 -6.59 6.05 -21.19
C VAL B 87 -7.94 6.67 -21.54
N SER B 88 -8.48 7.50 -20.65
CA SER B 88 -9.75 8.15 -20.90
C SER B 88 -9.67 9.02 -22.15
N ARG B 89 -8.61 9.81 -22.23
CA ARG B 89 -8.40 10.71 -23.36
C ARG B 89 -8.12 9.94 -24.66
N ALA B 90 -7.30 8.90 -24.59
CA ALA B 90 -7.00 8.11 -25.78
C ALA B 90 -8.21 7.34 -26.30
N ALA B 91 -9.05 6.82 -25.40
CA ALA B 91 -10.22 6.06 -25.81
C ALA B 91 -11.48 6.90 -25.98
N ASP B 92 -11.42 8.15 -25.53
CA ASP B 92 -12.56 9.05 -25.59
C ASP B 92 -13.76 8.45 -24.87
N VAL B 93 -13.51 7.99 -23.64
CA VAL B 93 -14.55 7.43 -22.79
C VAL B 93 -14.41 8.13 -21.44
N HIS B 94 -15.51 8.65 -20.91
CA HIS B 94 -15.49 9.33 -19.62
C HIS B 94 -15.17 8.32 -18.52
N ILE B 95 -14.36 8.73 -17.54
CA ILE B 95 -14.06 7.85 -16.42
C ILE B 95 -14.20 8.63 -15.13
N VAL B 96 -15.07 8.15 -14.25
CA VAL B 96 -15.29 8.78 -12.96
C VAL B 96 -14.39 8.07 -11.97
N ALA B 97 -13.56 8.83 -11.26
CA ALA B 97 -12.64 8.28 -10.27
C ALA B 97 -13.31 8.19 -8.90
N ALA B 98 -12.73 7.35 -8.03
CA ALA B 98 -13.29 7.17 -6.70
C ALA B 98 -12.32 7.42 -5.57
N THR B 99 -12.87 7.67 -4.40
CA THR B 99 -12.08 7.81 -3.18
C THR B 99 -12.65 6.70 -2.30
N GLY B 100 -12.25 6.65 -1.04
CA GLY B 100 -12.75 5.60 -0.16
C GLY B 100 -11.67 4.57 0.10
N LEU B 101 -12.05 3.43 0.67
CA LEU B 101 -11.10 2.37 0.97
C LEU B 101 -11.74 1.00 0.77
N TRP B 102 -10.96 0.08 0.19
CA TRP B 102 -11.38 -1.29 -0.10
C TRP B 102 -11.02 -2.14 1.11
N PHE B 103 -10.83 -3.45 0.94
CA PHE B 103 -10.49 -4.25 2.11
C PHE B 103 -9.02 -4.61 2.29
N ASP B 104 -8.13 -3.83 1.69
CA ASP B 104 -6.71 -4.06 1.85
C ASP B 104 -5.98 -2.76 2.23
N PRO B 105 -6.52 -2.01 3.20
CA PRO B 105 -5.89 -0.76 3.61
C PRO B 105 -4.58 -0.99 4.36
N PRO B 106 -3.58 -0.12 4.12
CA PRO B 106 -2.29 -0.25 4.80
C PRO B 106 -2.37 0.29 6.22
N LEU B 107 -1.31 0.09 7.00
CA LEU B 107 -1.24 0.57 8.37
C LEU B 107 -1.55 2.06 8.52
N SER B 108 -0.98 2.88 7.65
CA SER B 108 -1.18 4.33 7.73
C SER B 108 -2.65 4.72 7.61
N MET B 109 -3.46 3.81 7.05
CA MET B 109 -4.90 4.04 6.92
C MET B 109 -5.68 3.36 8.05
N ARG B 110 -5.35 2.10 8.32
CA ARG B 110 -6.02 1.30 9.36
C ARG B 110 -5.98 1.89 10.75
N LEU B 111 -4.99 2.74 11.03
CA LEU B 111 -4.88 3.31 12.37
C LEU B 111 -5.57 4.67 12.51
N ARG B 112 -6.08 5.20 11.41
CA ARG B 112 -6.74 6.51 11.43
C ARG B 112 -8.13 6.48 12.06
N SER B 113 -8.55 7.63 12.58
CA SER B 113 -9.86 7.76 13.21
C SER B 113 -10.91 8.10 12.14
N VAL B 114 -12.18 8.02 12.51
CA VAL B 114 -13.23 8.33 11.56
C VAL B 114 -13.12 9.77 11.06
N GLU B 115 -12.72 10.70 11.93
CA GLU B 115 -12.57 12.10 11.53
C GLU B 115 -11.42 12.26 10.53
N GLU B 116 -10.31 11.57 10.78
CA GLU B 116 -9.16 11.62 9.91
C GLU B 116 -9.55 11.07 8.54
N LEU B 117 -10.18 9.90 8.53
CA LEU B 117 -10.61 9.28 7.27
C LEU B 117 -11.57 10.20 6.52
N THR B 118 -12.46 10.87 7.26
CA THR B 118 -13.41 11.76 6.63
C THR B 118 -12.70 12.89 5.89
N GLN B 119 -11.59 13.37 6.45
CA GLN B 119 -10.81 14.44 5.82
C GLN B 119 -10.12 13.94 4.56
N PHE B 120 -9.67 12.69 4.57
CA PHE B 120 -9.00 12.12 3.40
C PHE B 120 -9.99 12.00 2.24
N PHE B 121 -11.18 11.45 2.51
CA PHE B 121 -12.19 11.30 1.46
C PHE B 121 -12.59 12.67 0.89
N LEU B 122 -12.76 13.65 1.78
CA LEU B 122 -13.13 15.00 1.37
C LEU B 122 -12.03 15.63 0.52
N ARG B 123 -10.77 15.35 0.87
CA ARG B 123 -9.64 15.88 0.12
C ARG B 123 -9.71 15.41 -1.33
N GLU B 124 -9.85 14.10 -1.51
CA GLU B 124 -9.90 13.53 -2.85
C GLU B 124 -11.11 13.96 -3.65
N ILE B 125 -12.19 14.31 -2.96
CA ILE B 125 -13.40 14.75 -3.64
C ILE B 125 -13.39 16.23 -3.99
N GLN B 126 -12.89 17.06 -3.06
CA GLN B 126 -12.89 18.51 -3.22
C GLN B 126 -11.59 19.15 -3.72
N TYR B 127 -10.47 18.68 -3.19
CA TYR B 127 -9.17 19.22 -3.59
C TYR B 127 -8.63 18.45 -4.79
N GLY B 128 -8.78 17.14 -4.75
CA GLY B 128 -8.31 16.31 -5.84
C GLY B 128 -7.41 15.19 -5.38
N ILE B 129 -7.25 14.19 -6.25
CA ILE B 129 -6.42 13.04 -5.96
C ILE B 129 -4.94 13.39 -6.13
N GLU B 130 -4.16 13.16 -5.09
CA GLU B 130 -2.73 13.46 -5.12
C GLU B 130 -2.57 14.95 -5.46
N ASP B 131 -1.73 15.26 -6.44
CA ASP B 131 -1.52 16.64 -6.83
C ASP B 131 -2.02 16.88 -8.26
N THR B 132 -2.97 16.07 -8.71
CA THR B 132 -3.48 16.19 -10.08
C THR B 132 -4.68 17.12 -10.23
N GLY B 133 -5.36 17.42 -9.15
CA GLY B 133 -6.53 18.27 -9.26
C GLY B 133 -7.72 17.48 -9.76
N ILE B 134 -7.53 16.20 -10.02
CA ILE B 134 -8.62 15.35 -10.48
C ILE B 134 -9.50 14.97 -9.29
N ARG B 135 -10.76 15.37 -9.34
CA ARG B 135 -11.68 15.12 -8.23
C ARG B 135 -12.50 13.83 -8.33
N ALA B 136 -12.57 13.09 -7.25
CA ALA B 136 -13.32 11.85 -7.21
C ALA B 136 -14.80 12.17 -7.33
N GLY B 137 -15.53 11.33 -8.07
CA GLY B 137 -16.96 11.55 -8.24
C GLY B 137 -17.78 10.46 -7.56
N ILE B 138 -17.16 9.68 -6.69
CA ILE B 138 -17.87 8.62 -5.98
C ILE B 138 -17.01 8.05 -4.86
N ILE B 139 -17.67 7.56 -3.81
CA ILE B 139 -16.99 6.98 -2.66
C ILE B 139 -17.17 5.46 -2.62
N KCX B 140 -16.06 4.73 -2.56
CA KCX B 140 -16.10 3.28 -2.52
CB KCX B 140 -15.13 2.74 -3.58
CG KCX B 140 -14.87 1.26 -3.51
CD KCX B 140 -16.00 0.47 -4.11
CE KCX B 140 -15.44 -0.66 -4.95
NZ KCX B 140 -15.63 -1.95 -4.27
C KCX B 140 -15.73 2.72 -1.15
O KCX B 140 -14.74 3.15 -0.56
CX KCX B 140 -15.06 -2.92 -4.97
OQ1 KCX B 140 -15.18 -4.09 -4.58
OQ2 KCX B 140 -14.42 -2.68 -6.00
N VAL B 141 -16.52 1.76 -0.67
CA VAL B 141 -16.27 1.11 0.63
C VAL B 141 -16.53 -0.40 0.50
N ALA B 142 -16.18 -1.17 1.53
CA ALA B 142 -16.39 -2.61 1.47
C ALA B 142 -16.30 -3.39 2.78
N THR B 143 -16.88 -4.59 2.75
CA THR B 143 -16.88 -5.53 3.88
C THR B 143 -16.93 -6.94 3.26
N THR B 144 -16.41 -7.93 3.99
CA THR B 144 -16.43 -9.31 3.56
C THR B 144 -17.04 -10.07 4.73
N GLY B 145 -18.34 -9.87 4.91
CA GLY B 145 -19.05 -10.49 6.01
C GLY B 145 -19.22 -9.38 7.01
N LYS B 146 -19.52 -9.70 8.26
CA LYS B 146 -19.70 -8.66 9.28
C LYS B 146 -18.56 -7.65 9.23
N ALA B 147 -18.89 -6.37 9.40
CA ALA B 147 -17.89 -5.31 9.36
C ALA B 147 -16.90 -5.38 10.52
N THR B 148 -15.62 -5.22 10.20
CA THR B 148 -14.59 -5.21 11.24
C THR B 148 -14.69 -3.83 11.86
N PRO B 149 -14.07 -3.61 13.02
CA PRO B 149 -14.15 -2.29 13.64
C PRO B 149 -13.68 -1.18 12.70
N PHE B 150 -12.58 -1.40 12.00
CA PHE B 150 -12.08 -0.38 11.08
C PHE B 150 -13.07 -0.12 9.94
N GLN B 151 -13.63 -1.18 9.39
CA GLN B 151 -14.58 -1.01 8.29
C GLN B 151 -15.79 -0.18 8.71
N GLU B 152 -16.18 -0.28 9.97
CA GLU B 152 -17.32 0.51 10.45
C GLU B 152 -16.95 1.98 10.38
N LEU B 153 -15.72 2.30 10.73
CA LEU B 153 -15.23 3.67 10.69
C LEU B 153 -15.23 4.19 9.25
N VAL B 154 -14.83 3.32 8.32
CA VAL B 154 -14.78 3.70 6.91
C VAL B 154 -16.16 4.05 6.35
N LEU B 155 -17.16 3.23 6.64
CA LEU B 155 -18.51 3.46 6.15
C LEU B 155 -19.08 4.75 6.75
N LYS B 156 -18.76 5.00 8.02
CA LYS B 156 -19.24 6.21 8.66
C LYS B 156 -18.58 7.43 8.01
N ALA B 157 -17.28 7.35 7.75
CA ALA B 157 -16.56 8.45 7.12
C ALA B 157 -17.08 8.64 5.71
N ALA B 158 -17.45 7.54 5.05
CA ALA B 158 -17.99 7.61 3.70
C ALA B 158 -19.33 8.34 3.73
N ALA B 159 -20.15 8.02 4.72
CA ALA B 159 -21.46 8.67 4.85
C ALA B 159 -21.29 10.17 5.07
N ARG B 160 -20.34 10.53 5.92
CA ARG B 160 -20.11 11.94 6.22
C ARG B 160 -19.57 12.69 5.01
N ALA B 161 -18.61 12.11 4.31
CA ALA B 161 -18.07 12.76 3.12
C ALA B 161 -19.20 12.95 2.12
N SER B 162 -20.08 11.94 2.04
CA SER B 162 -21.22 11.98 1.13
C SER B 162 -22.23 13.07 1.49
N LEU B 163 -22.60 13.17 2.75
CA LEU B 163 -23.55 14.19 3.16
C LEU B 163 -22.99 15.58 2.90
N ALA B 164 -21.69 15.75 3.11
CA ALA B 164 -21.05 17.04 2.91
C ALA B 164 -20.84 17.46 1.46
N THR B 165 -20.69 16.49 0.55
CA THR B 165 -20.43 16.81 -0.87
C THR B 165 -21.54 16.46 -1.85
N GLY B 166 -22.38 15.49 -1.52
CA GLY B 166 -23.44 15.11 -2.44
C GLY B 166 -22.99 13.95 -3.33
N VAL B 167 -21.73 13.55 -3.20
CA VAL B 167 -21.19 12.45 -3.99
C VAL B 167 -21.76 11.14 -3.44
N PRO B 168 -22.14 10.20 -4.32
CA PRO B 168 -22.71 8.94 -3.85
C PRO B 168 -21.70 7.93 -3.30
N VAL B 169 -22.23 6.89 -2.67
CA VAL B 169 -21.41 5.83 -2.09
C VAL B 169 -21.78 4.52 -2.76
N THR B 170 -20.77 3.71 -3.08
CA THR B 170 -21.01 2.42 -3.70
C THR B 170 -20.24 1.41 -2.89
N THR B 171 -20.73 0.18 -2.80
CA THR B 171 -20.05 -0.81 -1.98
C THR B 171 -19.75 -2.17 -2.58
N HIS B 172 -18.78 -2.84 -1.96
CA HIS B 172 -18.40 -4.19 -2.30
C HIS B 172 -18.99 -4.95 -1.11
N THR B 173 -19.65 -6.07 -1.37
CA THR B 173 -20.24 -6.86 -0.29
C THR B 173 -19.99 -8.34 -0.51
N ALA B 174 -20.31 -9.13 0.50
CA ALA B 174 -20.23 -10.57 0.42
C ALA B 174 -21.71 -10.87 0.33
N ALA B 175 -22.26 -10.66 -0.86
CA ALA B 175 -23.68 -10.84 -1.12
C ALA B 175 -24.32 -12.00 -0.37
N SER B 176 -23.72 -13.18 -0.45
CA SER B 176 -24.26 -14.35 0.22
C SER B 176 -24.50 -14.12 1.71
N GLN B 177 -23.64 -13.34 2.35
CA GLN B 177 -23.79 -13.06 3.78
C GLN B 177 -24.68 -11.86 4.09
N ARG B 178 -25.40 -11.38 3.08
CA ARG B 178 -26.31 -10.25 3.23
C ARG B 178 -25.67 -9.01 3.86
N ASP B 179 -24.41 -8.75 3.51
CA ASP B 179 -23.69 -7.59 4.03
C ASP B 179 -24.45 -6.28 3.85
N GLY B 180 -25.18 -6.16 2.74
CA GLY B 180 -25.92 -4.94 2.46
C GLY B 180 -26.74 -4.44 3.63
N GLU B 181 -27.27 -5.37 4.43
CA GLU B 181 -28.10 -4.99 5.57
C GLU B 181 -27.32 -4.27 6.67
N GLN B 182 -26.14 -4.75 7.01
CA GLN B 182 -25.35 -4.07 8.03
C GLN B 182 -24.87 -2.73 7.49
N GLN B 183 -24.45 -2.70 6.22
CA GLN B 183 -23.97 -1.47 5.61
C GLN B 183 -25.07 -0.41 5.64
N ALA B 184 -26.29 -0.82 5.30
CA ALA B 184 -27.43 0.09 5.29
C ALA B 184 -27.69 0.62 6.70
N ALA B 185 -27.56 -0.25 7.70
CA ALA B 185 -27.78 0.14 9.09
C ALA B 185 -26.83 1.26 9.48
N ILE B 186 -25.54 1.07 9.20
CA ILE B 186 -24.54 2.08 9.52
C ILE B 186 -24.79 3.40 8.79
N PHE B 187 -24.96 3.32 7.48
CA PHE B 187 -25.23 4.51 6.66
C PHE B 187 -26.40 5.32 7.21
N GLU B 188 -27.51 4.65 7.51
CA GLU B 188 -28.68 5.33 8.04
C GLU B 188 -28.43 5.89 9.42
N SER B 189 -27.52 5.28 10.18
CA SER B 189 -27.23 5.77 11.52
C SER B 189 -26.50 7.10 11.38
N GLU B 190 -25.99 7.37 10.19
CA GLU B 190 -25.28 8.62 9.92
C GLU B 190 -26.17 9.61 9.18
N GLY B 191 -27.42 9.22 8.93
CA GLY B 191 -28.35 10.11 8.25
C GLY B 191 -28.27 10.12 6.74
N LEU B 192 -27.51 9.19 6.17
CA LEU B 192 -27.36 9.12 4.74
C LEU B 192 -28.59 8.53 4.07
N SER B 193 -29.05 9.17 3.00
CA SER B 193 -30.21 8.69 2.28
C SER B 193 -29.85 7.47 1.42
N PRO B 194 -30.66 6.41 1.49
CA PRO B 194 -30.41 5.19 0.71
C PRO B 194 -30.26 5.47 -0.79
N SER B 195 -30.89 6.52 -1.28
CA SER B 195 -30.80 6.85 -2.71
C SER B 195 -29.40 7.29 -3.13
N ARG B 196 -28.52 7.50 -2.15
CA ARG B 196 -27.14 7.90 -2.43
C ARG B 196 -26.23 6.68 -2.32
N VAL B 197 -26.83 5.52 -2.10
CA VAL B 197 -26.06 4.29 -1.91
C VAL B 197 -26.36 3.13 -2.83
N CYS B 198 -25.32 2.50 -3.32
CA CYS B 198 -25.46 1.32 -4.17
C CYS B 198 -24.81 0.13 -3.48
N ILE B 199 -25.59 -0.89 -3.22
CA ILE B 199 -25.07 -2.10 -2.59
C ILE B 199 -24.59 -2.97 -3.74
N GLY B 200 -23.28 -3.02 -3.92
CA GLY B 200 -22.69 -3.77 -5.02
C GLY B 200 -22.48 -5.26 -4.85
N HIS B 201 -22.19 -5.91 -5.96
CA HIS B 201 -21.96 -7.36 -6.01
C HIS B 201 -23.19 -8.13 -5.56
N SER B 202 -24.35 -7.52 -5.74
CA SER B 202 -25.60 -8.14 -5.34
C SER B 202 -25.97 -9.33 -6.22
N ASP B 203 -25.41 -9.41 -7.42
CA ASP B 203 -25.72 -10.54 -8.29
C ASP B 203 -24.93 -11.77 -7.83
N ASP B 204 -24.13 -11.59 -6.80
CA ASP B 204 -23.34 -12.69 -6.25
C ASP B 204 -24.25 -13.59 -5.41
N THR B 205 -25.52 -13.19 -5.27
CA THR B 205 -26.47 -13.97 -4.50
C THR B 205 -27.81 -14.12 -5.21
N ASP B 206 -28.45 -15.27 -5.03
CA ASP B 206 -29.73 -15.57 -5.64
C ASP B 206 -30.89 -15.23 -4.71
N ASP B 207 -30.59 -14.80 -3.48
CA ASP B 207 -31.68 -14.47 -2.57
C ASP B 207 -32.39 -13.19 -2.96
N LEU B 208 -33.51 -13.35 -3.64
CA LEU B 208 -34.30 -12.20 -4.09
C LEU B 208 -34.94 -11.48 -2.90
N SER B 209 -35.23 -12.20 -1.82
CA SER B 209 -35.86 -11.58 -0.66
C SER B 209 -34.93 -10.52 -0.07
N TYR B 210 -33.65 -10.83 -0.05
CA TYR B 210 -32.63 -9.92 0.47
C TYR B 210 -32.53 -8.69 -0.42
N LEU B 211 -32.48 -8.91 -1.73
CA LEU B 211 -32.36 -7.82 -2.70
C LEU B 211 -33.59 -6.91 -2.71
N THR B 212 -34.77 -7.47 -2.85
CA THR B 212 -35.99 -6.66 -2.89
C THR B 212 -36.23 -5.90 -1.59
N ALA B 213 -35.79 -6.45 -0.46
CA ALA B 213 -35.96 -5.78 0.82
C ALA B 213 -35.12 -4.52 0.86
N LEU B 214 -33.93 -4.59 0.27
CA LEU B 214 -33.03 -3.44 0.23
C LEU B 214 -33.57 -2.41 -0.75
N ALA B 215 -34.06 -2.89 -1.90
CA ALA B 215 -34.61 -2.01 -2.92
C ALA B 215 -35.84 -1.28 -2.38
N ALA B 216 -36.64 -1.98 -1.57
CA ALA B 216 -37.84 -1.38 -0.99
C ALA B 216 -37.49 -0.21 -0.08
N ARG B 217 -36.29 -0.25 0.50
CA ARG B 217 -35.84 0.80 1.39
C ARG B 217 -35.25 2.01 0.66
N GLY B 218 -35.07 1.88 -0.64
CA GLY B 218 -34.54 3.00 -1.43
C GLY B 218 -33.11 2.86 -1.89
N TYR B 219 -32.47 1.74 -1.58
CA TYR B 219 -31.08 1.54 -2.01
C TYR B 219 -30.99 1.14 -3.46
N LEU B 220 -29.89 1.48 -4.10
CA LEU B 220 -29.69 1.08 -5.48
C LEU B 220 -29.04 -0.29 -5.37
N ILE B 221 -29.42 -1.21 -6.26
CA ILE B 221 -28.87 -2.55 -6.22
C ILE B 221 -27.89 -2.74 -7.37
N GLY B 222 -26.64 -3.03 -7.02
CA GLY B 222 -25.64 -3.21 -8.04
C GLY B 222 -25.45 -4.64 -8.53
N LEU B 223 -25.92 -4.91 -9.73
CA LEU B 223 -25.77 -6.24 -10.35
C LEU B 223 -24.61 -5.96 -11.30
N ASP B 224 -23.41 -5.93 -10.72
CA ASP B 224 -22.19 -5.58 -11.41
C ASP B 224 -21.17 -6.66 -11.76
N ARG B 225 -21.53 -7.93 -11.59
CA ARG B 225 -20.59 -9.02 -11.90
C ARG B 225 -21.21 -10.04 -12.83
N ILE B 226 -22.06 -9.58 -13.74
CA ILE B 226 -22.75 -10.48 -14.66
C ILE B 226 -21.87 -11.50 -15.39
N PRO B 227 -20.71 -11.10 -15.92
CA PRO B 227 -19.88 -12.09 -16.61
C PRO B 227 -19.04 -13.03 -15.76
N PHE B 228 -19.07 -12.86 -14.44
CA PHE B 228 -18.29 -13.72 -13.55
C PHE B 228 -18.83 -15.15 -13.48
N SER B 229 -18.06 -16.10 -14.00
CA SER B 229 -18.48 -17.49 -13.99
C SER B 229 -17.30 -18.43 -14.21
N ALA B 230 -17.11 -19.37 -13.29
CA ALA B 230 -16.02 -20.33 -13.39
C ALA B 230 -16.52 -21.66 -13.95
N ILE B 231 -17.71 -21.66 -14.54
CA ILE B 231 -18.26 -22.87 -15.12
C ILE B 231 -17.34 -23.38 -16.23
N GLY B 232 -16.90 -24.62 -16.08
CA GLY B 232 -15.99 -25.20 -17.05
C GLY B 232 -14.60 -25.03 -16.51
N LEU B 233 -14.50 -24.38 -15.36
CA LEU B 233 -13.22 -24.13 -14.69
C LEU B 233 -13.24 -24.73 -13.30
N GLU B 234 -14.13 -25.71 -13.10
CA GLU B 234 -14.25 -26.38 -11.82
C GLU B 234 -12.88 -26.81 -11.30
N ASP B 235 -11.98 -27.11 -12.23
CA ASP B 235 -10.63 -27.55 -11.91
C ASP B 235 -9.69 -26.44 -11.41
N ASN B 236 -10.14 -25.18 -11.50
CA ASN B 236 -9.32 -24.05 -11.06
C ASN B 236 -9.86 -23.51 -9.74
N ALA B 237 -9.31 -23.99 -8.63
CA ALA B 237 -9.74 -23.57 -7.30
C ALA B 237 -9.83 -22.05 -7.12
N SER B 238 -8.75 -21.35 -7.41
CA SER B 238 -8.73 -19.89 -7.25
C SER B 238 -9.74 -19.16 -8.12
N ALA B 239 -9.84 -19.54 -9.39
CA ALA B 239 -10.79 -18.91 -10.30
C ALA B 239 -12.21 -19.18 -9.86
N SER B 240 -12.46 -20.40 -9.37
CA SER B 240 -13.78 -20.79 -8.92
C SER B 240 -14.22 -20.00 -7.70
N ALA B 241 -13.28 -19.75 -6.79
CA ALA B 241 -13.56 -19.00 -5.58
C ALA B 241 -13.99 -17.56 -5.88
N LEU B 242 -13.30 -16.94 -6.84
CA LEU B 242 -13.59 -15.56 -7.19
C LEU B 242 -14.80 -15.38 -8.13
N LEU B 243 -14.87 -16.21 -9.17
CA LEU B 243 -15.95 -16.10 -10.15
C LEU B 243 -17.27 -16.79 -9.80
N GLY B 244 -17.20 -17.89 -9.06
CA GLY B 244 -18.42 -18.60 -8.70
C GLY B 244 -18.79 -19.62 -9.75
N ILE B 245 -19.79 -20.44 -9.45
CA ILE B 245 -20.21 -21.47 -10.39
C ILE B 245 -21.60 -21.22 -10.96
N ARG B 246 -22.07 -19.99 -10.87
CA ARG B 246 -23.38 -19.62 -11.40
C ARG B 246 -23.17 -18.97 -12.78
N SER B 247 -24.01 -19.35 -13.74
CA SER B 247 -23.90 -18.82 -15.10
C SER B 247 -24.18 -17.33 -15.17
N TRP B 248 -23.76 -16.70 -16.27
CA TRP B 248 -24.00 -15.27 -16.43
C TRP B 248 -25.48 -15.04 -16.70
N GLN B 249 -26.16 -16.06 -17.20
CA GLN B 249 -27.58 -15.94 -17.46
C GLN B 249 -28.33 -15.87 -16.13
N THR B 250 -27.88 -16.67 -15.17
CA THR B 250 -28.48 -16.70 -13.84
C THR B 250 -28.36 -15.32 -13.21
N ARG B 251 -27.16 -14.74 -13.24
CA ARG B 251 -26.93 -13.42 -12.68
C ARG B 251 -27.81 -12.39 -13.40
N ALA B 252 -27.81 -12.46 -14.73
CA ALA B 252 -28.57 -11.53 -15.55
C ALA B 252 -30.07 -11.53 -15.24
N LEU B 253 -30.62 -12.71 -14.96
CA LEU B 253 -32.04 -12.82 -14.67
C LEU B 253 -32.47 -12.05 -13.41
N LEU B 254 -31.55 -11.87 -12.47
CA LEU B 254 -31.88 -11.11 -11.26
C LEU B 254 -32.29 -9.70 -11.68
N ILE B 255 -31.70 -9.22 -12.78
CA ILE B 255 -32.03 -7.90 -13.28
C ILE B 255 -33.50 -7.90 -13.68
N LYS B 256 -33.92 -8.93 -14.42
CA LYS B 256 -35.30 -9.04 -14.85
C LYS B 256 -36.22 -9.22 -13.65
N ALA B 257 -35.77 -9.99 -12.66
CA ALA B 257 -36.58 -10.24 -11.47
C ALA B 257 -36.91 -8.93 -10.76
N LEU B 258 -35.88 -8.13 -10.48
CA LEU B 258 -36.09 -6.85 -9.80
C LEU B 258 -37.00 -5.93 -10.61
N ILE B 259 -36.90 -5.99 -11.93
CA ILE B 259 -37.75 -5.17 -12.79
C ILE B 259 -39.20 -5.60 -12.56
N ASP B 260 -39.43 -6.90 -12.59
CA ASP B 260 -40.77 -7.44 -12.40
C ASP B 260 -41.34 -7.01 -11.03
N GLN B 261 -40.48 -6.98 -10.02
CA GLN B 261 -40.88 -6.58 -8.67
C GLN B 261 -41.15 -5.08 -8.62
N GLY B 262 -40.90 -4.40 -9.74
CA GLY B 262 -41.15 -2.97 -9.79
C GLY B 262 -40.01 -2.08 -9.29
N TYR B 263 -38.77 -2.55 -9.39
CA TYR B 263 -37.64 -1.75 -8.93
C TYR B 263 -36.66 -1.37 -10.04
N MET B 264 -37.17 -1.08 -11.22
CA MET B 264 -36.31 -0.73 -12.34
C MET B 264 -35.48 0.53 -12.11
N LYS B 265 -36.02 1.51 -11.41
CA LYS B 265 -35.30 2.75 -11.15
C LYS B 265 -34.17 2.59 -10.13
N GLN B 266 -34.05 1.39 -9.56
CA GLN B 266 -33.01 1.14 -8.56
C GLN B 266 -31.98 0.09 -8.96
N ILE B 267 -31.88 -0.17 -10.25
CA ILE B 267 -30.91 -1.15 -10.71
C ILE B 267 -29.76 -0.46 -11.43
N LEU B 268 -28.55 -0.92 -11.11
CA LEU B 268 -27.33 -0.42 -11.75
C LEU B 268 -26.64 -1.68 -12.20
N VAL B 269 -26.22 -1.72 -13.47
CA VAL B 269 -25.57 -2.89 -14.04
C VAL B 269 -24.14 -2.60 -14.51
N SER B 270 -23.25 -3.59 -14.33
CA SER B 270 -21.86 -3.44 -14.75
C SER B 270 -21.18 -4.80 -14.89
N ASN B 271 -19.90 -4.79 -15.24
CA ASN B 271 -19.14 -6.03 -15.43
C ASN B 271 -18.12 -6.34 -14.33
N ASP B 272 -17.67 -5.31 -13.63
CA ASP B 272 -16.63 -5.44 -12.61
C ASP B 272 -15.38 -6.00 -13.30
N TRP B 273 -15.15 -5.53 -14.52
CA TRP B 273 -13.98 -5.95 -15.28
C TRP B 273 -12.76 -5.08 -14.98
N LEU B 274 -11.62 -5.47 -15.55
CA LEU B 274 -10.37 -4.76 -15.38
C LEU B 274 -9.42 -5.24 -16.47
N PHE B 275 -8.33 -4.50 -16.68
CA PHE B 275 -7.38 -4.86 -17.70
C PHE B 275 -6.07 -5.37 -17.10
N GLY B 276 -5.90 -5.12 -15.80
CA GLY B 276 -4.73 -5.58 -15.06
C GLY B 276 -5.27 -6.05 -13.72
N PHE B 277 -4.63 -7.03 -13.10
CA PHE B 277 -5.11 -7.58 -11.84
C PHE B 277 -3.98 -8.24 -11.05
N SER B 278 -3.35 -7.49 -10.15
CA SER B 278 -2.23 -7.99 -9.36
C SER B 278 -2.57 -8.41 -7.94
N SER B 279 -3.73 -7.97 -7.44
CA SER B 279 -4.13 -8.31 -6.08
C SER B 279 -4.75 -9.71 -5.96
N TYR B 280 -4.35 -10.62 -6.84
CA TYR B 280 -4.86 -11.98 -6.79
C TYR B 280 -3.78 -12.92 -7.32
N VAL B 281 -4.13 -14.19 -7.58
CA VAL B 281 -3.13 -15.13 -8.08
C VAL B 281 -2.64 -14.67 -9.45
N THR B 282 -1.42 -15.05 -9.80
CA THR B 282 -0.84 -14.66 -11.07
C THR B 282 -1.64 -15.25 -12.25
N ASN B 283 -1.72 -14.49 -13.33
CA ASN B 283 -2.43 -14.93 -14.53
C ASN B 283 -3.96 -15.06 -14.39
N ILE B 284 -4.53 -14.53 -13.32
CA ILE B 284 -5.98 -14.58 -13.18
C ILE B 284 -6.60 -13.78 -14.32
N MET B 285 -5.92 -12.70 -14.72
CA MET B 285 -6.40 -11.85 -15.81
C MET B 285 -6.57 -12.68 -17.08
N ASP B 286 -5.62 -13.57 -17.35
CA ASP B 286 -5.68 -14.42 -18.54
C ASP B 286 -6.89 -15.34 -18.46
N VAL B 287 -7.11 -15.92 -17.28
CA VAL B 287 -8.25 -16.81 -17.08
C VAL B 287 -9.54 -16.01 -17.32
N MET B 288 -9.63 -14.83 -16.72
CA MET B 288 -10.81 -13.98 -16.87
C MET B 288 -11.06 -13.56 -18.31
N ASP B 289 -10.01 -13.17 -19.03
CA ASP B 289 -10.16 -12.74 -20.40
C ASP B 289 -10.69 -13.87 -21.29
N ARG B 290 -10.38 -15.12 -20.93
CA ARG B 290 -10.86 -16.26 -21.70
C ARG B 290 -12.34 -16.51 -21.39
N VAL B 291 -12.72 -16.30 -20.13
CA VAL B 291 -14.11 -16.47 -19.73
C VAL B 291 -14.99 -15.43 -20.43
N ASN B 292 -14.51 -14.19 -20.48
CA ASN B 292 -15.28 -13.11 -21.09
C ASN B 292 -14.44 -12.21 -22.01
N PRO B 293 -14.23 -12.65 -23.26
CA PRO B 293 -13.46 -11.91 -24.28
C PRO B 293 -14.02 -10.53 -24.58
N ASP B 294 -15.31 -10.34 -24.32
CA ASP B 294 -15.96 -9.06 -24.56
C ASP B 294 -15.55 -8.01 -23.55
N GLY B 295 -15.01 -8.46 -22.42
CA GLY B 295 -14.59 -7.52 -21.39
C GLY B 295 -15.74 -6.63 -20.97
N MET B 296 -15.50 -5.32 -20.93
CA MET B 296 -16.52 -4.37 -20.53
C MET B 296 -17.69 -4.27 -21.50
N ALA B 297 -17.50 -4.69 -22.75
CA ALA B 297 -18.58 -4.63 -23.72
C ALA B 297 -19.59 -5.76 -23.52
N PHE B 298 -19.34 -6.60 -22.52
CA PHE B 298 -20.22 -7.72 -22.23
C PHE B 298 -21.67 -7.31 -21.97
N ILE B 299 -21.84 -6.26 -21.17
CA ILE B 299 -23.19 -5.81 -20.85
C ILE B 299 -23.98 -5.38 -22.11
N PRO B 300 -23.46 -4.43 -22.88
CA PRO B 300 -24.21 -4.02 -24.08
C PRO B 300 -24.31 -5.08 -25.18
N LEU B 301 -23.25 -5.89 -25.32
CA LEU B 301 -23.24 -6.91 -26.36
C LEU B 301 -24.01 -8.19 -26.06
N ARG B 302 -24.07 -8.60 -24.81
CA ARG B 302 -24.77 -9.84 -24.54
C ARG B 302 -25.87 -9.79 -23.49
N VAL B 303 -25.72 -8.95 -22.46
CA VAL B 303 -26.73 -8.87 -21.42
C VAL B 303 -27.99 -8.12 -21.86
N ILE B 304 -27.83 -6.94 -22.44
CA ILE B 304 -28.98 -6.16 -22.90
C ILE B 304 -29.86 -6.93 -23.89
N PRO B 305 -29.24 -7.56 -24.90
CA PRO B 305 -30.09 -8.31 -25.84
C PRO B 305 -30.74 -9.53 -25.19
N PHE B 306 -30.05 -10.11 -24.21
CA PHE B 306 -30.57 -11.27 -23.50
C PHE B 306 -31.84 -10.88 -22.76
N LEU B 307 -31.78 -9.77 -22.05
CA LEU B 307 -32.94 -9.28 -21.30
C LEU B 307 -34.08 -8.94 -22.25
N ARG B 308 -33.76 -8.25 -23.33
CA ARG B 308 -34.76 -7.87 -24.31
C ARG B 308 -35.48 -9.09 -24.83
N GLU B 309 -34.71 -10.12 -25.16
CA GLU B 309 -35.24 -11.38 -25.68
C GLU B 309 -36.19 -12.04 -24.69
N LYS B 310 -35.88 -11.95 -23.41
CA LYS B 310 -36.73 -12.59 -22.43
C LYS B 310 -37.86 -11.71 -21.90
N GLY B 311 -38.25 -10.71 -22.68
CA GLY B 311 -39.36 -9.86 -22.29
C GLY B 311 -39.16 -8.43 -21.80
N VAL B 312 -37.95 -8.05 -21.42
CA VAL B 312 -37.72 -6.70 -20.93
C VAL B 312 -37.78 -5.64 -22.02
N PRO B 313 -38.62 -4.61 -21.82
CA PRO B 313 -38.77 -3.52 -22.78
C PRO B 313 -37.45 -2.77 -23.02
N GLN B 314 -37.17 -2.46 -24.28
CA GLN B 314 -35.94 -1.75 -24.63
C GLN B 314 -35.87 -0.44 -23.85
N GLU B 315 -37.01 0.25 -23.74
CA GLU B 315 -37.10 1.50 -23.01
C GLU B 315 -36.64 1.36 -21.57
N THR B 316 -36.98 0.23 -20.96
CA THR B 316 -36.60 -0.03 -19.57
C THR B 316 -35.10 -0.22 -19.46
N LEU B 317 -34.51 -0.83 -20.49
CA LEU B 317 -33.07 -1.07 -20.50
C LEU B 317 -32.31 0.24 -20.65
N ALA B 318 -32.91 1.20 -21.36
CA ALA B 318 -32.30 2.50 -21.55
C ALA B 318 -32.32 3.22 -20.22
N GLY B 319 -33.43 3.08 -19.50
CA GLY B 319 -33.56 3.71 -18.20
C GLY B 319 -32.52 3.20 -17.22
N ILE B 320 -32.32 1.89 -17.22
CA ILE B 320 -31.34 1.29 -16.31
C ILE B 320 -29.90 1.68 -16.62
N THR B 321 -29.53 1.67 -17.89
CA THR B 321 -28.16 1.98 -18.28
C THR B 321 -27.82 3.45 -18.49
N VAL B 322 -28.84 4.30 -18.60
CA VAL B 322 -28.62 5.72 -18.82
C VAL B 322 -29.22 6.61 -17.74
N THR B 323 -30.50 6.43 -17.45
CA THR B 323 -31.18 7.27 -16.47
C THR B 323 -30.78 7.01 -15.01
N ASN B 324 -30.69 5.75 -14.60
CA ASN B 324 -30.32 5.45 -13.23
C ASN B 324 -28.90 5.93 -12.88
N PRO B 325 -27.91 5.62 -13.74
CA PRO B 325 -26.54 6.07 -13.44
C PRO B 325 -26.45 7.59 -13.31
N ALA B 326 -27.13 8.31 -14.20
CA ALA B 326 -27.13 9.76 -14.19
C ALA B 326 -27.69 10.34 -12.90
N ARG B 327 -28.80 9.77 -12.44
CA ARG B 327 -29.45 10.22 -11.20
C ARG B 327 -28.58 9.86 -10.00
N PHE B 328 -27.94 8.70 -10.06
CA PHE B 328 -27.07 8.22 -8.98
C PHE B 328 -25.84 9.10 -8.82
N LEU B 329 -25.11 9.31 -9.93
CA LEU B 329 -23.89 10.11 -9.92
C LEU B 329 -24.02 11.61 -9.71
N SER B 330 -25.13 12.20 -10.17
CA SER B 330 -25.34 13.63 -10.00
C SER B 330 -25.14 14.01 -8.54
N PRO B 331 -24.14 14.85 -8.24
CA PRO B 331 -23.93 15.22 -6.84
C PRO B 331 -25.25 15.74 -6.26
N THR B 332 -25.72 15.12 -5.20
CA THR B 332 -26.99 15.51 -4.60
C THR B 332 -26.95 15.66 -3.09
N LEU B 333 -27.16 16.88 -2.62
CA LEU B 333 -27.17 17.18 -1.19
C LEU B 333 -28.55 16.97 -0.60
N ARG B 334 -28.61 16.49 0.64
CA ARG B 334 -29.90 16.25 1.28
C ARG B 334 -30.60 17.55 1.63
N ALA B 335 -31.93 17.49 1.67
CA ALA B 335 -32.74 18.66 2.02
C ALA B 335 -32.42 19.08 3.44
N SER B 336 -31.99 20.33 3.59
CA SER B 336 -31.64 20.87 4.90
C SER B 336 -32.87 21.40 5.63
CO CO C . 11.98 -2.09 12.45
CO CO D . 13.33 0.95 11.21
C1 EBP E . 33.95 10.43 12.59
C2 EBP E . 33.90 9.37 13.49
C3 EBP E . 33.34 9.52 14.75
C4 EBP E . 32.78 10.73 15.13
C5 EBP E . 32.80 11.79 14.23
C6 EBP E . 33.45 11.66 13.00
C7 EBP E . 34.64 10.30 11.26
C8 EBP E . 31.94 10.82 16.37
C9 EBP E . 35.56 13.22 10.62
C10 EBP E . 36.47 14.02 9.71
C11 EBP E . 37.48 8.78 12.10
C12 EBP E . 39.00 8.69 12.28
P EBP E . 36.22 10.79 11.15
O1 EBP E . 36.35 12.25 11.40
O2 EBP E . 37.04 10.18 12.22
O3 EBP E . 36.72 10.37 9.66
CO CO F . -14.77 -4.05 -8.26
CO CO G . -15.50 -5.68 -5.32
C1 EBP H . -27.56 3.31 -25.59
C2 EBP H . -28.28 2.59 -24.65
C3 EBP H . -28.19 1.20 -24.59
C4 EBP H . -27.35 0.51 -25.46
C5 EBP H . -26.66 1.23 -26.42
C6 EBP H . -26.82 2.61 -26.54
C7 EBP H . -27.57 4.82 -25.60
C8 EBP H . -27.40 -0.99 -25.52
C9 EBP H . -26.66 5.61 -28.32
C10 EBP H . -26.41 6.87 -29.13
C11 EBP H . -31.14 5.65 -27.08
C12 EBP H . -32.14 5.65 -25.90
P EBP H . -28.60 5.58 -26.64
O1 EBP H . -28.11 5.49 -28.04
O2 EBP H . -29.92 4.90 -26.68
O3 EBP H . -28.71 7.13 -26.13
#